data_6XB8
#
_entry.id   6XB8
#
_cell.length_a   170.180
_cell.length_b   173.220
_cell.length_c   173.450
_cell.angle_alpha   90.000
_cell.angle_beta   90.000
_cell.angle_gamma   90.000
#
_symmetry.space_group_name_H-M   'I 2 2 2'
#
loop_
_entity.id
_entity.type
_entity.pdbx_description
1 polymer 'Protein Rep68'
2 polymer "DNA (5'-D(*GP*CP*TP*CP*TP*T)-3')"
3 non-polymer 'ZINC ION'
#
loop_
_entity_poly.entity_id
_entity_poly.type
_entity_poly.pdbx_seq_one_letter_code
_entity_poly.pdbx_strand_id
1 'polypeptide(L)'
;MPGFYEIVIKVPSDLDEHLPGISDSFVNWVAEKEWELPPDSDMDLNLIEQAPLTVAEKLQRDFLTEWRRVSKAPEALFFV
QFEKGESYFHMHVLVETTGVKSMVLGRFLSQIREKLIQRIYRGIEPTLPNWFAVTKTRNGAGGGNKVVDESYIPNYLLPK
TQPELQWAWTNMEQYLSACLNLTERKRLVAQHLTHVSQTQEQNKEN
;
A,B,C,D
2 'polydeoxyribonucleotide' (DG)(DC)(DT)(DC)(DT)(DT) E,F
#
# COMPACT_ATOMS: atom_id res chain seq x y z
N MET A 1 27.05 -14.29 5.16
CA MET A 1 26.77 -13.03 4.47
C MET A 1 25.75 -13.20 3.36
N PRO A 2 24.86 -12.22 3.22
CA PRO A 2 23.82 -12.29 2.19
C PRO A 2 24.28 -11.71 0.87
N GLY A 3 23.60 -12.12 -0.20
CA GLY A 3 23.95 -11.72 -1.54
C GLY A 3 23.26 -10.43 -1.96
N PHE A 4 23.37 -10.12 -3.25
CA PHE A 4 22.78 -8.91 -3.81
C PHE A 4 22.03 -9.22 -5.08
N TYR A 5 20.83 -8.68 -5.20
CA TYR A 5 20.20 -8.55 -6.51
C TYR A 5 20.78 -7.34 -7.21
N GLU A 6 20.94 -7.45 -8.53
CA GLU A 6 21.36 -6.36 -9.37
C GLU A 6 20.21 -5.98 -10.29
N ILE A 7 19.76 -4.73 -10.20
CA ILE A 7 18.86 -4.15 -11.17
C ILE A 7 19.64 -3.12 -11.97
N VAL A 8 19.56 -3.19 -13.29
CA VAL A 8 20.24 -2.22 -14.15
C VAL A 8 19.17 -1.31 -14.74
N ILE A 9 19.30 -0.02 -14.45
CA ILE A 9 18.31 0.97 -14.85
C ILE A 9 18.96 1.90 -15.86
N LYS A 10 18.43 1.92 -17.08
CA LYS A 10 18.87 2.92 -18.04
C LYS A 10 18.31 4.29 -17.66
N VAL A 11 19.17 5.31 -17.70
CA VAL A 11 18.79 6.68 -17.37
C VAL A 11 18.66 7.45 -18.68
N PRO A 12 17.50 8.04 -18.98
CA PRO A 12 17.38 8.86 -20.18
C PRO A 12 18.39 10.00 -20.20
N SER A 13 18.97 10.23 -21.38
CA SER A 13 20.02 11.24 -21.55
C SER A 13 19.79 12.15 -22.74
N ASP A 14 18.72 11.97 -23.49
CA ASP A 14 18.36 12.83 -24.61
C ASP A 14 16.85 13.00 -24.55
N LEU A 15 16.40 14.18 -24.12
CA LEU A 15 15.02 14.35 -23.67
C LEU A 15 14.01 13.93 -24.74
N ASP A 16 14.04 14.60 -25.90
CA ASP A 16 13.07 14.26 -26.95
C ASP A 16 13.25 12.83 -27.44
N GLU A 17 14.46 12.29 -27.34
CA GLU A 17 14.70 10.94 -27.84
C GLU A 17 14.15 9.86 -26.92
N HIS A 18 14.28 10.03 -25.60
CA HIS A 18 13.97 8.99 -24.64
C HIS A 18 12.70 9.24 -23.84
N LEU A 19 12.38 10.50 -23.54
CA LEU A 19 11.17 10.88 -22.83
C LEU A 19 10.33 11.76 -23.76
N PRO A 20 9.75 11.19 -24.81
CA PRO A 20 9.01 12.01 -25.78
C PRO A 20 7.73 12.58 -25.15
N GLY A 21 7.57 13.89 -25.27
CA GLY A 21 6.39 14.56 -24.76
C GLY A 21 6.43 14.91 -23.30
N ILE A 22 7.61 14.86 -22.65
CA ILE A 22 7.69 15.16 -21.24
C ILE A 22 7.39 16.63 -21.00
N SER A 23 6.82 16.94 -19.84
CA SER A 23 6.44 18.31 -19.50
C SER A 23 7.65 19.23 -19.52
N ASP A 24 7.37 20.52 -19.75
CA ASP A 24 8.46 21.49 -19.66
C ASP A 24 8.99 21.62 -18.24
N SER A 25 8.16 21.29 -17.25
CA SER A 25 8.62 21.31 -15.86
C SER A 25 9.77 20.33 -15.66
N PHE A 26 9.69 19.15 -16.29
CA PHE A 26 10.80 18.20 -16.27
C PHE A 26 12.04 18.80 -16.90
N VAL A 27 11.87 19.49 -18.03
CA VAL A 27 12.99 20.12 -18.73
C VAL A 27 13.68 21.12 -17.80
N ASN A 28 12.88 21.93 -17.11
CA ASN A 28 13.45 22.91 -16.19
C ASN A 28 14.15 22.24 -15.02
N TRP A 29 13.56 21.15 -14.51
CA TRP A 29 14.17 20.43 -13.40
C TRP A 29 15.57 19.92 -13.76
N VAL A 30 15.69 19.28 -14.93
CA VAL A 30 16.98 18.73 -15.28
C VAL A 30 17.95 19.82 -15.75
N ALA A 31 17.45 20.90 -16.35
CA ALA A 31 18.32 21.96 -16.80
C ALA A 31 18.84 22.83 -15.66
N GLU A 32 18.23 22.75 -14.48
CA GLU A 32 18.69 23.45 -13.29
C GLU A 32 19.65 22.60 -12.47
N LYS A 33 20.45 21.77 -13.12
CA LYS A 33 21.29 20.80 -12.44
C LYS A 33 22.60 21.45 -12.03
N GLU A 34 22.85 21.50 -10.73
CA GLU A 34 24.16 21.84 -10.19
C GLU A 34 24.50 20.76 -9.16
N TRP A 35 25.46 19.91 -9.49
CA TRP A 35 26.00 18.95 -8.54
C TRP A 35 27.46 19.27 -8.30
N GLU A 36 27.84 19.38 -7.04
CA GLU A 36 29.24 19.57 -6.65
C GLU A 36 29.78 18.30 -6.04
N LEU A 37 31.05 18.01 -6.32
CA LEU A 37 31.63 16.83 -5.68
C LEU A 37 32.02 17.16 -4.25
N PRO A 38 31.90 16.20 -3.34
CA PRO A 38 32.33 16.43 -1.97
C PRO A 38 33.82 16.69 -1.90
N PRO A 39 34.29 17.39 -0.86
CA PRO A 39 35.71 17.78 -0.83
C PRO A 39 36.68 16.61 -0.83
N ASP A 40 36.28 15.46 -0.28
CA ASP A 40 37.17 14.30 -0.21
C ASP A 40 37.44 13.67 -1.57
N SER A 41 36.75 14.11 -2.62
CA SER A 41 36.76 13.42 -3.91
C SER A 41 37.85 13.93 -4.83
N ASP A 42 38.33 13.03 -5.70
CA ASP A 42 39.42 13.33 -6.62
C ASP A 42 38.98 13.19 -8.08
N MET A 43 37.68 13.34 -8.33
CA MET A 43 37.13 13.21 -9.68
C MET A 43 37.06 14.57 -10.36
N ASP A 44 37.05 14.54 -11.70
CA ASP A 44 36.97 15.74 -12.52
C ASP A 44 35.50 16.02 -12.82
N LEU A 45 34.95 17.07 -12.21
CA LEU A 45 33.56 17.43 -12.44
C LEU A 45 33.26 17.61 -13.93
N ASN A 46 34.25 18.08 -14.69
CA ASN A 46 34.06 18.37 -16.11
C ASN A 46 33.73 17.14 -16.94
N LEU A 47 33.81 15.94 -16.36
CA LEU A 47 33.46 14.71 -17.07
C LEU A 47 32.21 14.05 -16.52
N ILE A 48 31.36 14.81 -15.85
CA ILE A 48 30.14 14.32 -15.25
C ILE A 48 28.99 15.12 -15.84
N GLU A 49 28.08 14.44 -16.55
CA GLU A 49 26.98 15.12 -17.20
C GLU A 49 25.85 15.36 -16.20
N GLN A 50 25.41 16.61 -16.10
CA GLN A 50 24.61 17.05 -14.97
C GLN A 50 23.14 16.61 -15.06
N ALA A 51 22.50 16.83 -16.21
CA ALA A 51 21.08 16.47 -16.33
C ALA A 51 20.84 14.98 -16.15
N PRO A 52 21.51 14.08 -16.89
CA PRO A 52 21.28 12.65 -16.63
C PRO A 52 21.59 12.31 -15.19
N LEU A 53 22.54 13.02 -14.58
CA LEU A 53 22.84 12.77 -13.17
C LEU A 53 21.66 13.12 -12.28
N THR A 54 21.01 14.26 -12.53
CA THR A 54 19.82 14.61 -11.75
C THR A 54 18.78 13.49 -11.83
N VAL A 55 18.47 13.06 -13.04
CA VAL A 55 17.49 11.98 -13.21
C VAL A 55 17.95 10.72 -12.49
N ALA A 56 19.23 10.37 -12.63
CA ALA A 56 19.72 9.12 -12.07
C ALA A 56 19.72 9.14 -10.56
N GLU A 57 20.10 10.27 -9.97
CA GLU A 57 20.12 10.37 -8.52
C GLU A 57 18.71 10.21 -7.96
N LYS A 58 17.72 10.92 -8.52
CA LYS A 58 16.37 10.72 -8.01
C LYS A 58 15.90 9.28 -8.24
N LEU A 59 16.23 8.72 -9.40
CA LEU A 59 15.82 7.37 -9.74
C LEU A 59 16.29 6.38 -8.68
N GLN A 60 17.59 6.40 -8.36
CA GLN A 60 18.12 5.45 -7.39
C GLN A 60 17.58 5.73 -5.99
N ARG A 61 17.45 7.00 -5.62
CA ARG A 61 16.99 7.33 -4.27
C ARG A 61 15.57 6.82 -4.04
N ASP A 62 14.69 7.04 -5.01
CA ASP A 62 13.31 6.59 -4.86
C ASP A 62 13.19 5.08 -5.00
N PHE A 63 14.00 4.47 -5.90
CA PHE A 63 14.04 3.02 -5.93
C PHE A 63 14.41 2.46 -4.57
N LEU A 64 15.35 3.11 -3.89
CA LEU A 64 15.81 2.58 -2.62
C LEU A 64 14.75 2.71 -1.54
N THR A 65 14.04 3.85 -1.47
CA THR A 65 12.99 3.94 -0.45
C THR A 65 11.84 2.98 -0.75
N GLU A 66 11.48 2.81 -2.04
CA GLU A 66 10.50 1.79 -2.38
C GLU A 66 10.99 0.40 -2.00
N TRP A 67 12.28 0.13 -2.16
CA TRP A 67 12.81 -1.18 -1.82
C TRP A 67 12.74 -1.43 -0.32
N ARG A 68 13.12 -0.43 0.49
CA ARG A 68 13.02 -0.61 1.94
C ARG A 68 11.58 -0.86 2.34
N ARG A 69 10.64 -0.18 1.69
CA ARG A 69 9.22 -0.45 1.95
C ARG A 69 8.88 -1.90 1.63
N VAL A 70 9.30 -2.38 0.46
CA VAL A 70 8.90 -3.69 -0.01
C VAL A 70 9.55 -4.80 0.83
N SER A 71 10.82 -4.63 1.19
CA SER A 71 11.58 -5.68 1.86
C SER A 71 11.31 -5.73 3.36
N LYS A 72 10.67 -4.69 3.91
CA LYS A 72 10.56 -4.53 5.36
C LYS A 72 11.93 -4.68 6.02
N ALA A 73 12.95 -4.12 5.38
CA ALA A 73 14.33 -4.18 5.87
C ALA A 73 14.97 -2.82 5.66
N PRO A 74 14.70 -1.87 6.55
CA PRO A 74 15.06 -0.47 6.27
C PRO A 74 16.55 -0.19 6.31
N GLU A 75 17.36 -1.09 6.86
CA GLU A 75 18.80 -0.88 6.95
C GLU A 75 19.56 -1.65 5.87
N ALA A 76 18.89 -2.10 4.83
CA ALA A 76 19.50 -3.01 3.87
C ALA A 76 20.63 -2.34 3.13
N LEU A 77 21.76 -3.03 3.02
CA LEU A 77 22.92 -2.50 2.33
C LEU A 77 22.61 -2.34 0.84
N PHE A 78 23.20 -1.31 0.25
CA PHE A 78 23.09 -1.12 -1.19
C PHE A 78 24.37 -0.53 -1.74
N PHE A 79 24.49 -0.58 -3.06
CA PHE A 79 25.57 0.10 -3.76
C PHE A 79 25.07 0.42 -5.16
N VAL A 80 25.02 1.69 -5.50
CA VAL A 80 24.52 2.15 -6.79
C VAL A 80 25.66 2.86 -7.51
N GLN A 81 25.92 2.45 -8.75
CA GLN A 81 26.92 3.14 -9.56
C GLN A 81 26.31 3.55 -10.89
N PHE A 82 26.34 4.85 -11.16
CA PHE A 82 25.82 5.47 -12.38
C PHE A 82 26.98 5.68 -13.34
N GLU A 83 26.80 5.22 -14.58
CA GLU A 83 27.85 5.16 -15.59
C GLU A 83 27.32 5.64 -16.94
N LYS A 84 28.22 6.22 -17.73
CA LYS A 84 27.97 6.49 -19.15
C LYS A 84 28.49 5.30 -19.94
N GLY A 85 27.58 4.50 -20.47
CA GLY A 85 27.92 3.19 -20.98
C GLY A 85 28.06 3.12 -22.48
N GLU A 86 27.92 1.89 -22.98
CA GLU A 86 27.94 1.55 -24.40
C GLU A 86 27.25 2.59 -25.29
N SER A 87 25.98 2.88 -25.00
CA SER A 87 25.11 3.63 -25.89
C SER A 87 24.08 4.40 -25.08
N TYR A 88 23.93 4.01 -23.82
CA TYR A 88 23.04 4.71 -22.90
C TYR A 88 23.73 4.88 -21.56
N PHE A 89 23.36 5.95 -20.86
CA PHE A 89 23.65 6.04 -19.45
C PHE A 89 22.83 4.99 -18.71
N HIS A 90 23.44 4.37 -17.71
CA HIS A 90 22.67 3.44 -16.89
C HIS A 90 23.27 3.43 -15.49
N MET A 91 22.64 2.69 -14.60
CA MET A 91 23.27 2.49 -13.30
C MET A 91 22.93 1.11 -12.77
N HIS A 92 23.94 0.49 -12.17
CA HIS A 92 23.81 -0.78 -11.49
C HIS A 92 23.44 -0.50 -10.05
N VAL A 93 22.25 -0.92 -9.64
CA VAL A 93 21.83 -0.84 -8.25
C VAL A 93 21.87 -2.26 -7.68
N LEU A 94 22.72 -2.45 -6.67
CA LEU A 94 22.86 -3.70 -5.94
C LEU A 94 22.19 -3.54 -4.59
N VAL A 95 21.24 -4.42 -4.28
CA VAL A 95 20.58 -4.41 -2.98
C VAL A 95 20.66 -5.77 -2.33
N GLU A 96 20.88 -5.77 -1.01
CA GLU A 96 20.84 -6.97 -0.21
C GLU A 96 19.55 -7.75 -0.45
N THR A 97 19.69 -9.03 -0.81
CA THR A 97 18.54 -9.88 -1.08
C THR A 97 17.61 -10.03 0.13
N THR A 98 18.13 -9.84 1.34
CA THR A 98 17.31 -10.07 2.53
C THR A 98 16.06 -9.21 2.46
N GLY A 99 14.90 -9.84 2.64
CA GLY A 99 13.61 -9.17 2.60
C GLY A 99 12.74 -9.59 1.44
N VAL A 100 13.34 -9.95 0.32
CA VAL A 100 12.61 -10.24 -0.92
C VAL A 100 13.03 -11.62 -1.40
N LYS A 101 12.14 -12.61 -1.23
CA LYS A 101 12.40 -13.93 -1.81
C LYS A 101 12.44 -13.82 -3.34
N SER A 102 13.27 -14.65 -3.95
CA SER A 102 13.49 -14.51 -5.39
C SER A 102 12.19 -14.68 -6.18
N MET A 103 11.29 -15.55 -5.72
CA MET A 103 10.07 -15.82 -6.48
C MET A 103 9.24 -14.56 -6.69
N VAL A 104 9.22 -13.67 -5.70
CA VAL A 104 8.39 -12.48 -5.73
C VAL A 104 9.12 -11.23 -6.18
N LEU A 105 10.45 -11.31 -6.33
CA LEU A 105 11.24 -10.15 -6.72
C LEU A 105 10.76 -9.57 -8.04
N GLY A 106 10.41 -10.44 -8.99
CA GLY A 106 9.97 -9.94 -10.28
C GLY A 106 8.80 -8.99 -10.15
N ARG A 107 7.79 -9.37 -9.37
CA ARG A 107 6.60 -8.55 -9.26
C ARG A 107 6.86 -7.31 -8.40
N PHE A 108 7.61 -7.46 -7.31
CA PHE A 108 7.94 -6.27 -6.52
C PHE A 108 8.67 -5.25 -7.37
N LEU A 109 9.58 -5.71 -8.24
CA LEU A 109 10.30 -4.81 -9.12
C LEU A 109 9.35 -4.18 -10.14
N SER A 110 8.41 -4.97 -10.67
CA SER A 110 7.41 -4.41 -11.57
C SER A 110 6.69 -3.25 -10.90
N GLN A 111 6.26 -3.45 -9.66
CA GLN A 111 5.56 -2.41 -8.91
C GLN A 111 6.44 -1.18 -8.75
N ILE A 112 7.69 -1.38 -8.34
CA ILE A 112 8.58 -0.24 -8.14
C ILE A 112 8.77 0.51 -9.45
N ARG A 113 8.90 -0.22 -10.56
CA ARG A 113 9.10 0.41 -11.85
C ARG A 113 7.90 1.27 -12.22
N GLU A 114 6.69 0.76 -11.99
CA GLU A 114 5.50 1.57 -12.28
C GLU A 114 5.45 2.80 -11.37
N LYS A 115 5.80 2.64 -10.10
CA LYS A 115 5.83 3.79 -9.20
C LYS A 115 6.82 4.83 -9.70
N LEU A 116 7.97 4.40 -10.22
CA LEU A 116 8.97 5.33 -10.75
C LEU A 116 8.43 6.05 -11.99
N ILE A 117 7.79 5.31 -12.90
CA ILE A 117 7.23 5.94 -14.10
C ILE A 117 6.21 7.00 -13.70
N GLN A 118 5.38 6.71 -12.69
CA GLN A 118 4.37 7.67 -12.28
C GLN A 118 5.00 8.89 -11.59
N ARG A 119 5.72 8.66 -10.49
CA ARG A 119 6.14 9.78 -9.66
C ARG A 119 7.36 10.54 -10.20
N ILE A 120 8.04 10.03 -11.23
CA ILE A 120 9.23 10.73 -11.75
C ILE A 120 9.09 11.13 -13.21
N TYR A 121 8.82 10.18 -14.09
CA TYR A 121 8.56 10.52 -15.48
C TYR A 121 7.13 10.99 -15.70
N ARG A 122 6.39 11.18 -14.60
CA ARG A 122 5.05 11.79 -14.62
C ARG A 122 4.17 11.14 -15.67
N GLY A 123 4.21 9.80 -15.71
CA GLY A 123 3.32 9.03 -16.56
C GLY A 123 3.88 8.65 -17.90
N ILE A 124 5.04 9.17 -18.28
CA ILE A 124 5.61 8.94 -19.59
C ILE A 124 6.49 7.70 -19.56
N GLU A 125 6.14 6.70 -20.37
CA GLU A 125 6.93 5.49 -20.48
C GLU A 125 8.19 5.79 -21.27
N PRO A 126 9.38 5.72 -20.67
CA PRO A 126 10.61 6.07 -21.41
C PRO A 126 10.85 5.12 -22.58
N THR A 127 11.29 5.69 -23.69
CA THR A 127 11.58 4.92 -24.89
C THR A 127 13.06 4.53 -24.92
N LEU A 128 13.44 3.76 -23.91
CA LEU A 128 14.76 3.16 -23.80
C LEU A 128 14.59 1.65 -23.81
N PRO A 129 15.38 0.92 -24.59
CA PRO A 129 15.18 -0.54 -24.67
C PRO A 129 15.62 -1.25 -23.40
N ASN A 130 14.71 -2.02 -22.82
CA ASN A 130 14.97 -2.83 -21.63
C ASN A 130 15.58 -1.98 -20.51
N TRP A 131 14.86 -0.93 -20.14
CA TRP A 131 15.46 0.13 -19.32
C TRP A 131 15.42 -0.15 -17.82
N PHE A 132 14.71 -1.18 -17.37
CA PHE A 132 14.60 -1.52 -15.94
C PHE A 132 14.67 -3.04 -15.85
N ALA A 133 15.88 -3.58 -15.65
CA ALA A 133 16.11 -5.00 -15.85
C ALA A 133 16.86 -5.62 -14.67
N VAL A 134 16.19 -6.51 -13.94
CA VAL A 134 16.89 -7.38 -12.99
C VAL A 134 17.78 -8.31 -13.79
N THR A 135 19.02 -8.49 -13.34
CA THR A 135 19.94 -9.30 -14.13
C THR A 135 19.73 -10.77 -13.78
N LYS A 136 19.57 -11.59 -14.81
CA LYS A 136 19.28 -13.01 -14.63
C LYS A 136 20.59 -13.78 -14.73
N THR A 137 20.50 -15.11 -14.83
CA THR A 137 21.63 -15.96 -14.48
C THR A 137 22.27 -16.69 -15.66
N ARG A 138 21.47 -17.28 -16.55
CA ARG A 138 22.01 -17.77 -17.82
C ARG A 138 21.04 -17.49 -18.96
N ASN A 139 19.99 -16.72 -18.69
CA ASN A 139 19.07 -16.19 -19.69
C ASN A 139 18.26 -17.29 -20.39
N GLY A 140 18.14 -18.45 -19.77
CA GLY A 140 17.41 -19.57 -20.36
C GLY A 140 15.91 -19.57 -20.08
N ALA A 141 15.33 -20.76 -19.92
CA ALA A 141 13.90 -20.88 -19.68
C ALA A 141 13.56 -20.36 -18.29
N GLY A 142 12.91 -19.20 -18.23
CA GLY A 142 12.56 -18.58 -16.96
C GLY A 142 13.65 -17.67 -16.46
N GLY A 143 14.89 -18.02 -16.75
CA GLY A 143 16.05 -17.23 -16.35
C GLY A 143 16.63 -17.66 -15.02
N GLY A 144 16.16 -17.04 -13.94
CA GLY A 144 16.74 -17.22 -12.63
C GLY A 144 17.38 -15.93 -12.14
N ASN A 145 16.82 -15.32 -11.10
CA ASN A 145 17.34 -14.06 -10.58
C ASN A 145 18.75 -14.27 -10.03
N LYS A 146 19.75 -13.71 -10.69
CA LYS A 146 21.13 -13.90 -10.24
C LYS A 146 21.34 -13.18 -8.92
N VAL A 147 22.04 -13.85 -8.01
CA VAL A 147 22.46 -13.28 -6.74
C VAL A 147 23.97 -13.11 -6.79
N VAL A 148 24.43 -11.86 -6.75
CA VAL A 148 25.86 -11.59 -6.87
C VAL A 148 26.47 -11.47 -5.47
N ASP A 149 27.73 -11.89 -5.37
CA ASP A 149 28.46 -11.77 -4.12
C ASP A 149 28.99 -10.34 -3.98
N GLU A 150 29.21 -9.91 -2.73
CA GLU A 150 29.76 -8.56 -2.51
C GLU A 150 31.02 -8.32 -3.33
N SER A 151 31.78 -9.38 -3.60
CA SER A 151 32.96 -9.30 -4.45
C SER A 151 32.67 -8.76 -5.84
N TYR A 152 31.39 -8.70 -6.24
CA TYR A 152 31.04 -8.04 -7.50
C TYR A 152 31.47 -6.58 -7.51
N ILE A 153 31.34 -5.93 -6.35
CA ILE A 153 31.65 -4.50 -6.27
C ILE A 153 33.12 -4.22 -6.58
N PRO A 154 34.11 -4.85 -5.93
CA PRO A 154 35.49 -4.59 -6.32
C PRO A 154 35.88 -5.24 -7.64
N ASN A 155 35.38 -6.44 -7.92
CA ASN A 155 35.77 -7.11 -9.16
C ASN A 155 35.33 -6.34 -10.40
N TYR A 156 34.17 -5.67 -10.35
CA TYR A 156 33.56 -5.18 -11.58
C TYR A 156 33.15 -3.71 -11.56
N LEU A 157 32.73 -3.19 -10.41
CA LEU A 157 32.23 -1.82 -10.38
C LEU A 157 33.33 -0.81 -10.04
N LEU A 158 34.03 -1.02 -8.93
CA LEU A 158 35.08 -0.08 -8.52
C LEU A 158 36.14 0.21 -9.58
N PRO A 159 36.63 -0.74 -10.39
CA PRO A 159 37.71 -0.39 -11.33
C PRO A 159 37.32 0.60 -12.40
N LYS A 160 36.04 0.90 -12.58
CA LYS A 160 35.61 1.84 -13.61
C LYS A 160 36.26 3.21 -13.40
N THR A 161 36.56 3.88 -14.50
CA THR A 161 37.17 5.20 -14.46
C THR A 161 36.40 6.14 -15.38
N GLN A 162 36.51 7.43 -15.09
CA GLN A 162 35.89 8.45 -15.92
C GLN A 162 36.36 8.28 -17.36
N PRO A 163 35.51 8.61 -18.35
CA PRO A 163 34.17 9.17 -18.17
C PRO A 163 33.09 8.10 -18.01
N GLU A 164 33.47 6.82 -18.08
CA GLU A 164 32.50 5.77 -17.84
C GLU A 164 31.88 5.92 -16.46
N LEU A 165 32.72 6.05 -15.44
CA LEU A 165 32.22 6.35 -14.10
C LEU A 165 31.60 7.73 -14.05
N GLN A 166 30.37 7.82 -13.54
CA GLN A 166 29.65 9.08 -13.40
C GLN A 166 29.35 9.42 -11.95
N TRP A 167 28.81 8.50 -11.17
CA TRP A 167 28.54 8.76 -9.76
C TRP A 167 28.33 7.45 -9.02
N ALA A 168 28.27 7.53 -7.69
CA ALA A 168 28.09 6.33 -6.88
C ALA A 168 27.51 6.71 -5.52
N TRP A 169 26.73 5.78 -4.97
CA TRP A 169 26.06 5.94 -3.68
C TRP A 169 26.16 4.61 -2.94
N THR A 170 26.39 4.65 -1.62
CA THR A 170 26.46 3.37 -0.92
C THR A 170 26.04 3.46 0.55
N ASN A 171 25.33 2.41 0.97
CA ASN A 171 25.07 2.15 2.39
C ASN A 171 26.34 1.69 3.10
N MET A 172 27.17 0.91 2.40
CA MET A 172 28.16 0.05 3.05
C MET A 172 29.40 0.84 3.40
N GLU A 173 29.77 0.83 4.69
CA GLU A 173 30.90 1.63 5.14
C GLU A 173 32.22 1.18 4.54
N GLN A 174 32.32 -0.07 4.06
CA GLN A 174 33.52 -0.51 3.36
C GLN A 174 33.84 0.38 2.17
N TYR A 175 32.82 1.08 1.64
CA TYR A 175 32.94 1.76 0.35
C TYR A 175 32.48 3.22 0.40
N LEU A 176 32.24 3.77 1.60
CA LEU A 176 31.90 5.19 1.70
C LEU A 176 32.95 6.06 1.04
N SER A 177 34.19 5.99 1.53
CA SER A 177 35.27 6.81 0.99
C SER A 177 35.52 6.54 -0.49
N ALA A 178 35.09 5.38 -0.99
CA ALA A 178 35.45 4.96 -2.34
C ALA A 178 34.49 5.43 -3.42
N CYS A 179 33.29 5.89 -3.05
CA CYS A 179 32.25 6.13 -4.05
C CYS A 179 32.68 7.15 -5.09
N LEU A 180 33.24 8.27 -4.64
CA LEU A 180 33.66 9.34 -5.54
C LEU A 180 35.16 9.60 -5.47
N ASN A 181 35.95 8.62 -5.02
CA ASN A 181 37.39 8.78 -4.94
C ASN A 181 38.07 7.72 -5.80
N LEU A 182 38.75 8.16 -6.86
CA LEU A 182 39.37 7.23 -7.78
C LEU A 182 40.52 6.48 -7.13
N THR A 183 41.32 7.17 -6.30
CA THR A 183 42.48 6.52 -5.69
C THR A 183 42.06 5.50 -4.65
N GLU A 184 41.02 5.83 -3.86
CA GLU A 184 40.50 4.87 -2.90
C GLU A 184 39.96 3.63 -3.62
N ARG A 185 39.34 3.84 -4.77
CA ARG A 185 38.88 2.71 -5.59
C ARG A 185 40.05 1.85 -6.04
N LYS A 186 41.08 2.49 -6.61
CA LYS A 186 42.27 1.76 -7.08
C LYS A 186 42.87 0.94 -5.95
N ARG A 187 42.94 1.53 -4.75
CA ARG A 187 43.51 0.84 -3.60
C ARG A 187 42.63 -0.34 -3.17
N LEU A 188 41.31 -0.14 -3.09
CA LEU A 188 40.43 -1.23 -2.66
C LEU A 188 40.46 -2.39 -3.63
N VAL A 189 40.43 -2.12 -4.93
CA VAL A 189 40.47 -3.21 -5.91
C VAL A 189 41.81 -3.92 -5.86
N ALA A 190 42.91 -3.18 -5.67
CA ALA A 190 44.21 -3.81 -5.53
C ALA A 190 44.24 -4.73 -4.32
N GLN A 191 43.71 -4.24 -3.19
CA GLN A 191 43.69 -5.04 -1.96
C GLN A 191 42.90 -6.33 -2.17
N HIS A 192 41.69 -6.22 -2.72
CA HIS A 192 40.89 -7.41 -2.97
C HIS A 192 41.63 -8.40 -3.87
N LEU A 193 42.20 -7.91 -4.97
CA LEU A 193 42.82 -8.80 -5.93
C LEU A 193 44.00 -9.55 -5.32
N THR A 194 44.92 -8.83 -4.67
CA THR A 194 46.08 -9.51 -4.10
C THR A 194 45.66 -10.46 -3.00
N HIS A 195 44.71 -10.06 -2.14
CA HIS A 195 44.25 -10.95 -1.09
C HIS A 195 43.69 -12.25 -1.67
N VAL A 196 42.82 -12.13 -2.69
CA VAL A 196 42.15 -13.29 -3.25
C VAL A 196 43.16 -14.22 -3.93
N SER A 197 44.03 -13.67 -4.77
CA SER A 197 44.97 -14.54 -5.49
C SER A 197 45.99 -15.17 -4.53
N GLN A 198 46.40 -14.46 -3.49
CA GLN A 198 47.37 -15.03 -2.56
C GLN A 198 46.75 -16.14 -1.72
N THR A 199 45.48 -15.98 -1.30
CA THR A 199 44.88 -17.07 -0.55
C THR A 199 44.37 -18.21 -1.43
N GLN A 200 44.16 -17.98 -2.73
CA GLN A 200 43.97 -19.11 -3.62
C GLN A 200 45.29 -19.86 -3.81
N GLU A 201 46.40 -19.14 -3.95
CA GLU A 201 47.67 -19.83 -4.02
C GLU A 201 47.98 -20.58 -2.72
N GLN A 202 47.56 -20.05 -1.57
CA GLN A 202 47.81 -20.77 -0.32
C GLN A 202 47.12 -22.12 -0.30
N ASN A 203 46.07 -22.30 -1.13
CA ASN A 203 45.46 -23.60 -1.34
C ASN A 203 46.37 -24.46 -2.24
N LYS A 204 47.57 -24.70 -1.71
CA LYS A 204 48.49 -25.75 -2.16
C LYS A 204 48.89 -26.48 -0.87
N GLU A 205 47.94 -27.27 -0.36
CA GLU A 205 47.99 -27.94 0.96
C GLU A 205 47.66 -26.95 2.08
N MET B 1 -0.25 -55.47 4.74
CA MET B 1 0.08 -54.28 3.98
C MET B 1 -1.17 -53.41 3.76
N PRO B 2 -1.04 -52.09 4.01
CA PRO B 2 -2.14 -51.17 3.70
C PRO B 2 -2.16 -50.73 2.25
N GLY B 3 -1.00 -50.31 1.72
CA GLY B 3 -0.91 -49.88 0.33
C GLY B 3 -1.15 -48.40 0.15
N PHE B 4 -0.39 -47.75 -0.73
CA PHE B 4 -0.43 -46.31 -0.90
C PHE B 4 -0.61 -45.92 -2.36
N TYR B 5 -1.55 -45.02 -2.62
CA TYR B 5 -1.54 -44.26 -3.87
C TYR B 5 -0.49 -43.16 -3.78
N GLU B 6 0.18 -42.90 -4.90
CA GLU B 6 1.11 -41.80 -5.05
C GLU B 6 0.52 -40.75 -5.98
N ILE B 7 0.51 -39.50 -5.51
CA ILE B 7 0.15 -38.35 -6.33
C ILE B 7 1.35 -37.41 -6.33
N VAL B 8 1.80 -37.01 -7.51
CA VAL B 8 2.90 -36.06 -7.64
C VAL B 8 2.32 -34.69 -8.00
N ILE B 9 2.64 -33.71 -7.16
CA ILE B 9 2.11 -32.36 -7.30
C ILE B 9 3.29 -31.43 -7.58
N LYS B 10 3.29 -30.80 -8.75
CA LYS B 10 4.29 -29.79 -9.05
C LYS B 10 3.94 -28.50 -8.33
N VAL B 11 4.93 -27.88 -7.71
CA VAL B 11 4.76 -26.66 -6.94
C VAL B 11 5.33 -25.50 -7.74
N PRO B 12 4.60 -24.40 -7.92
CA PRO B 12 5.13 -23.29 -8.72
C PRO B 12 6.31 -22.62 -8.02
N SER B 13 7.28 -22.19 -8.83
CA SER B 13 8.48 -21.56 -8.29
C SER B 13 8.77 -20.25 -9.01
N ASP B 14 8.36 -20.13 -10.26
CA ASP B 14 8.53 -18.92 -11.06
C ASP B 14 7.17 -18.26 -11.23
N LEU B 15 7.01 -17.07 -10.66
CA LEU B 15 5.68 -16.46 -10.59
C LEU B 15 5.11 -16.21 -11.98
N ASP B 16 5.88 -15.55 -12.84
CA ASP B 16 5.39 -15.25 -14.18
C ASP B 16 5.25 -16.51 -15.03
N GLU B 17 6.15 -17.48 -14.82
CA GLU B 17 6.15 -18.68 -15.67
C GLU B 17 5.05 -19.66 -15.27
N HIS B 18 4.82 -19.84 -13.98
CA HIS B 18 3.92 -20.88 -13.49
C HIS B 18 2.57 -20.36 -13.02
N LEU B 19 2.50 -19.13 -12.52
CA LEU B 19 1.24 -18.54 -12.07
C LEU B 19 1.00 -17.21 -12.77
N PRO B 20 0.78 -17.23 -14.09
CA PRO B 20 0.55 -15.97 -14.79
C PRO B 20 -0.78 -15.37 -14.38
N GLY B 21 -0.74 -14.10 -13.97
CA GLY B 21 -1.94 -13.41 -13.55
C GLY B 21 -2.39 -13.68 -12.14
N ILE B 22 -1.53 -14.29 -11.31
CA ILE B 22 -1.89 -14.52 -9.91
C ILE B 22 -2.03 -13.18 -9.18
N SER B 23 -2.82 -13.18 -8.12
CA SER B 23 -3.13 -11.94 -7.42
C SER B 23 -1.90 -11.40 -6.70
N ASP B 24 -2.01 -10.16 -6.24
CA ASP B 24 -0.98 -9.57 -5.38
C ASP B 24 -1.10 -10.05 -3.94
N SER B 25 -2.30 -10.42 -3.50
CA SER B 25 -2.46 -10.97 -2.16
C SER B 25 -1.71 -12.29 -2.03
N PHE B 26 -1.75 -13.13 -3.06
CA PHE B 26 -0.94 -14.34 -3.11
C PHE B 26 0.53 -14.02 -2.97
N VAL B 27 1.00 -13.02 -3.72
CA VAL B 27 2.41 -12.65 -3.69
C VAL B 27 2.81 -12.20 -2.29
N ASN B 28 1.96 -11.40 -1.63
CA ASN B 28 2.29 -10.95 -0.28
C ASN B 28 2.32 -12.12 0.70
N TRP B 29 1.32 -13.00 0.63
CA TRP B 29 1.32 -14.21 1.45
C TRP B 29 2.65 -14.94 1.33
N VAL B 30 3.05 -15.26 0.11
CA VAL B 30 4.28 -16.01 -0.11
C VAL B 30 5.48 -15.19 0.37
N ALA B 31 5.48 -13.90 0.10
CA ALA B 31 6.66 -13.08 0.34
C ALA B 31 6.95 -12.93 1.82
N GLU B 32 5.92 -12.97 2.66
CA GLU B 32 6.14 -12.74 4.09
C GLU B 32 6.12 -14.03 4.91
N LYS B 33 6.47 -15.16 4.33
CA LYS B 33 6.43 -16.44 5.03
C LYS B 33 7.81 -16.78 5.56
N GLU B 34 7.87 -17.20 6.82
CA GLU B 34 9.10 -17.68 7.44
C GLU B 34 8.91 -19.11 7.92
N TRP B 35 9.90 -19.95 7.67
CA TRP B 35 9.90 -21.32 8.15
C TRP B 35 11.17 -21.58 8.92
N GLU B 36 11.04 -22.21 10.09
CA GLU B 36 12.17 -22.67 10.88
C GLU B 36 12.13 -24.19 10.96
N LEU B 37 13.31 -24.81 10.91
CA LEU B 37 13.38 -26.24 11.13
C LEU B 37 13.21 -26.53 12.61
N PRO B 38 12.59 -27.66 12.96
CA PRO B 38 12.47 -28.03 14.37
C PRO B 38 13.84 -28.27 14.98
N PRO B 39 13.97 -28.19 16.31
CA PRO B 39 15.31 -28.27 16.91
C PRO B 39 16.00 -29.61 16.69
N ASP B 40 15.23 -30.67 16.43
CA ASP B 40 15.79 -32.01 16.28
C ASP B 40 16.37 -32.27 14.89
N SER B 41 16.42 -31.27 14.01
CA SER B 41 16.65 -31.50 12.60
C SER B 41 18.13 -31.34 12.22
N ASP B 42 18.50 -32.01 11.11
CA ASP B 42 19.86 -32.07 10.61
C ASP B 42 20.17 -31.02 9.56
N MET B 43 19.16 -30.48 8.90
CA MET B 43 19.32 -29.92 7.56
C MET B 43 19.81 -28.48 7.60
N ASP B 44 20.41 -28.06 6.49
CA ASP B 44 20.82 -26.68 6.28
C ASP B 44 19.62 -25.90 5.77
N LEU B 45 19.11 -24.96 6.57
CA LEU B 45 18.00 -24.15 6.12
C LEU B 45 18.33 -23.39 4.85
N ASN B 46 19.58 -22.98 4.68
CA ASN B 46 20.01 -22.18 3.54
C ASN B 46 19.95 -22.94 2.22
N LEU B 47 19.48 -24.19 2.21
CA LEU B 47 19.26 -24.94 0.98
C LEU B 47 17.80 -25.34 0.84
N ILE B 48 16.91 -24.55 1.41
CA ILE B 48 15.47 -24.78 1.36
C ILE B 48 14.81 -23.50 0.86
N GLU B 49 14.17 -23.57 -0.28
CA GLU B 49 13.57 -22.38 -0.90
C GLU B 49 12.26 -22.05 -0.20
N GLN B 50 12.19 -20.86 0.40
CA GLN B 50 11.09 -20.55 1.31
C GLN B 50 9.75 -20.39 0.58
N ALA B 51 9.76 -19.71 -0.58
CA ALA B 51 8.50 -19.47 -1.30
C ALA B 51 7.84 -20.76 -1.76
N PRO B 52 8.48 -21.60 -2.57
CA PRO B 52 7.82 -22.84 -2.97
C PRO B 52 7.49 -23.72 -1.79
N LEU B 53 8.28 -23.65 -0.71
CA LEU B 53 7.92 -24.36 0.50
C LEU B 53 6.58 -23.89 1.04
N THR B 54 6.35 -22.58 1.06
CA THR B 54 5.07 -22.06 1.51
C THR B 54 3.93 -22.67 0.70
N VAL B 55 4.03 -22.53 -0.63
CA VAL B 55 2.95 -23.02 -1.48
C VAL B 55 2.75 -24.52 -1.29
N ALA B 56 3.86 -25.27 -1.20
CA ALA B 56 3.80 -26.73 -1.13
C ALA B 56 3.24 -27.21 0.19
N GLU B 57 3.66 -26.58 1.29
CA GLU B 57 3.15 -26.95 2.60
C GLU B 57 1.64 -26.78 2.65
N LYS B 58 1.14 -25.63 2.15
CA LYS B 58 -0.32 -25.51 2.14
C LYS B 58 -0.97 -26.53 1.22
N LEU B 59 -0.38 -26.76 0.05
CA LEU B 59 -0.95 -27.73 -0.89
C LEU B 59 -1.11 -29.09 -0.24
N GLN B 60 -0.07 -29.59 0.43
CA GLN B 60 -0.16 -30.91 1.01
C GLN B 60 -1.13 -30.94 2.19
N ARG B 61 -1.15 -29.88 3.01
CA ARG B 61 -2.06 -29.86 4.16
C ARG B 61 -3.51 -29.95 3.70
N ASP B 62 -3.86 -29.15 2.68
CA ASP B 62 -5.24 -29.14 2.19
C ASP B 62 -5.56 -30.39 1.40
N PHE B 63 -4.60 -30.91 0.64
CA PHE B 63 -4.82 -32.20 -0.02
C PHE B 63 -5.20 -33.24 1.01
N LEU B 64 -4.47 -33.30 2.12
CA LEU B 64 -4.72 -34.35 3.10
C LEU B 64 -6.08 -34.17 3.77
N THR B 65 -6.46 -32.93 4.11
CA THR B 65 -7.79 -32.81 4.74
C THR B 65 -8.91 -33.13 3.75
N GLU B 66 -8.77 -32.73 2.49
CA GLU B 66 -9.75 -33.12 1.49
C GLU B 66 -9.78 -34.64 1.29
N TRP B 67 -8.62 -35.28 1.38
CA TRP B 67 -8.56 -36.73 1.27
C TRP B 67 -9.31 -37.41 2.40
N ARG B 68 -9.06 -36.97 3.64
CA ARG B 68 -9.80 -37.50 4.77
C ARG B 68 -11.29 -37.33 4.56
N ARG B 69 -11.70 -36.18 4.01
CA ARG B 69 -13.10 -36.01 3.63
C ARG B 69 -13.59 -37.13 2.72
N VAL B 70 -12.98 -37.24 1.53
CA VAL B 70 -13.55 -38.15 0.52
C VAL B 70 -13.27 -39.62 0.86
N SER B 71 -12.18 -39.92 1.56
CA SER B 71 -11.91 -41.30 1.91
C SER B 71 -12.75 -41.78 3.09
N LYS B 72 -13.56 -40.88 3.67
CA LYS B 72 -14.34 -41.17 4.88
C LYS B 72 -13.50 -41.94 5.88
N ALA B 73 -12.23 -41.53 6.01
CA ALA B 73 -11.27 -42.26 6.84
C ALA B 73 -10.17 -41.33 7.29
N PRO B 74 -10.40 -40.53 8.33
CA PRO B 74 -9.31 -39.74 8.91
C PRO B 74 -8.33 -40.66 9.62
N GLU B 75 -7.20 -40.08 10.03
CA GLU B 75 -6.07 -40.83 10.57
C GLU B 75 -5.55 -41.87 9.58
N ALA B 76 -5.80 -41.66 8.29
CA ALA B 76 -5.16 -42.48 7.27
C ALA B 76 -3.68 -42.11 7.20
N LEU B 77 -2.83 -43.12 7.07
CA LEU B 77 -1.40 -42.87 7.07
C LEU B 77 -0.98 -42.18 5.78
N PHE B 78 -0.09 -41.20 5.91
CA PHE B 78 0.44 -40.50 4.75
C PHE B 78 1.92 -40.22 4.94
N PHE B 79 2.59 -40.00 3.81
CA PHE B 79 3.97 -39.51 3.81
C PHE B 79 4.13 -38.60 2.60
N VAL B 80 4.55 -37.37 2.84
CA VAL B 80 4.66 -36.37 1.78
C VAL B 80 6.07 -35.81 1.81
N GLN B 81 6.72 -35.78 0.64
CA GLN B 81 8.09 -35.26 0.55
C GLN B 81 8.22 -34.24 -0.57
N PHE B 82 8.71 -33.06 -0.23
CA PHE B 82 8.84 -31.91 -1.11
C PHE B 82 10.29 -31.77 -1.55
N GLU B 83 10.51 -31.75 -2.87
CA GLU B 83 11.84 -31.81 -3.47
C GLU B 83 11.99 -30.76 -4.55
N LYS B 84 13.23 -30.28 -4.71
CA LYS B 84 13.61 -29.49 -5.89
C LYS B 84 14.07 -30.48 -6.97
N GLY B 85 13.35 -30.49 -8.09
CA GLY B 85 13.48 -31.56 -9.05
C GLY B 85 14.31 -31.21 -10.27
N GLU B 86 14.22 -32.11 -11.26
CA GLU B 86 14.76 -31.95 -12.60
C GLU B 86 14.60 -30.52 -13.14
N SER B 87 13.36 -30.02 -13.15
CA SER B 87 13.00 -28.75 -13.78
C SER B 87 11.96 -27.98 -13.00
N TYR B 88 11.20 -28.62 -12.13
CA TYR B 88 10.22 -27.98 -11.27
C TYR B 88 10.37 -28.54 -9.87
N PHE B 89 10.03 -27.72 -8.89
CA PHE B 89 9.77 -28.26 -7.56
C PHE B 89 8.55 -29.14 -7.61
N HIS B 90 8.56 -30.24 -6.86
CA HIS B 90 7.36 -31.05 -6.78
C HIS B 90 7.36 -31.77 -5.44
N MET B 91 6.28 -32.51 -5.19
CA MET B 91 6.24 -33.31 -3.97
C MET B 91 5.44 -34.57 -4.21
N HIS B 92 5.91 -35.65 -3.59
CA HIS B 92 5.26 -36.94 -3.61
C HIS B 92 4.35 -37.04 -2.40
N VAL B 93 3.07 -37.29 -2.66
CA VAL B 93 2.08 -37.52 -1.62
C VAL B 93 1.73 -39.00 -1.68
N LEU B 94 1.96 -39.70 -0.57
CA LEU B 94 1.59 -41.10 -0.43
C LEU B 94 0.46 -41.16 0.58
N VAL B 95 -0.72 -41.58 0.14
CA VAL B 95 -1.85 -41.79 1.03
C VAL B 95 -2.26 -43.26 0.96
N GLU B 96 -2.61 -43.84 2.09
CA GLU B 96 -3.01 -45.24 2.07
C GLU B 96 -4.38 -45.38 1.44
N THR B 97 -4.53 -46.43 0.64
CA THR B 97 -5.62 -46.52 -0.32
C THR B 97 -6.99 -46.71 0.32
N THR B 98 -7.04 -47.07 1.60
CA THR B 98 -8.32 -47.39 2.22
C THR B 98 -9.26 -46.19 2.14
N GLY B 99 -10.51 -46.47 1.78
CA GLY B 99 -11.53 -45.45 1.57
C GLY B 99 -11.85 -45.19 0.12
N VAL B 100 -10.87 -45.32 -0.77
CA VAL B 100 -11.00 -44.96 -2.17
C VAL B 100 -10.64 -46.18 -3.02
N LYS B 101 -11.65 -46.88 -3.54
CA LYS B 101 -11.41 -47.90 -4.55
C LYS B 101 -10.82 -47.25 -5.80
N SER B 102 -9.96 -47.98 -6.51
CA SER B 102 -9.19 -47.37 -7.59
C SER B 102 -10.10 -46.79 -8.66
N MET B 103 -11.27 -47.38 -8.89
CA MET B 103 -12.18 -46.88 -9.91
C MET B 103 -12.57 -45.42 -9.64
N VAL B 104 -12.81 -45.08 -8.37
CA VAL B 104 -13.26 -43.73 -8.05
C VAL B 104 -12.11 -42.78 -7.75
N LEU B 105 -10.86 -43.26 -7.80
CA LEU B 105 -9.72 -42.43 -7.39
C LEU B 105 -9.50 -41.28 -8.35
N GLY B 106 -9.59 -41.52 -9.64
CA GLY B 106 -9.39 -40.44 -10.60
C GLY B 106 -10.39 -39.31 -10.40
N ARG B 107 -11.65 -39.67 -10.16
CA ARG B 107 -12.70 -38.66 -9.96
C ARG B 107 -12.49 -37.88 -8.67
N PHE B 108 -12.24 -38.60 -7.57
CA PHE B 108 -11.99 -37.91 -6.31
C PHE B 108 -10.80 -36.98 -6.43
N LEU B 109 -9.75 -37.42 -7.12
CA LEU B 109 -8.57 -36.58 -7.26
C LEU B 109 -8.86 -35.38 -8.13
N SER B 110 -9.65 -35.54 -9.19
CA SER B 110 -10.05 -34.40 -10.00
C SER B 110 -10.77 -33.36 -9.14
N GLN B 111 -11.69 -33.82 -8.29
CA GLN B 111 -12.40 -32.93 -7.38
C GLN B 111 -11.44 -32.21 -6.44
N ILE B 112 -10.49 -32.95 -5.86
CA ILE B 112 -9.55 -32.35 -4.92
C ILE B 112 -8.67 -31.34 -5.62
N ARG B 113 -8.24 -31.66 -6.84
CA ARG B 113 -7.44 -30.73 -7.63
C ARG B 113 -8.18 -29.42 -7.85
N GLU B 114 -9.46 -29.51 -8.22
CA GLU B 114 -10.24 -28.29 -8.43
C GLU B 114 -10.39 -27.50 -7.13
N LYS B 115 -10.67 -28.19 -6.02
CA LYS B 115 -10.83 -27.47 -4.76
C LYS B 115 -9.51 -26.84 -4.32
N LEU B 116 -8.38 -27.41 -4.74
CA LEU B 116 -7.08 -26.81 -4.45
C LEU B 116 -6.85 -25.57 -5.30
N ILE B 117 -7.30 -25.61 -6.56
CA ILE B 117 -7.15 -24.44 -7.42
C ILE B 117 -7.97 -23.28 -6.89
N GLN B 118 -9.17 -23.56 -6.36
CA GLN B 118 -9.98 -22.49 -5.77
C GLN B 118 -9.41 -22.05 -4.42
N ARG B 119 -9.07 -23.00 -3.57
CA ARG B 119 -8.62 -22.69 -2.21
C ARG B 119 -7.32 -21.88 -2.22
N ILE B 120 -6.34 -22.31 -3.02
CA ILE B 120 -4.96 -21.81 -2.89
C ILE B 120 -4.60 -20.79 -3.95
N TYR B 121 -4.61 -21.19 -5.23
CA TYR B 121 -4.35 -20.23 -6.29
C TYR B 121 -5.55 -19.35 -6.59
N ARG B 122 -6.64 -19.51 -5.84
CA ARG B 122 -7.81 -18.62 -5.89
C ARG B 122 -8.32 -18.42 -7.31
N GLY B 123 -8.50 -19.55 -8.03
CA GLY B 123 -9.06 -19.56 -9.36
C GLY B 123 -8.05 -19.67 -10.47
N ILE B 124 -6.82 -19.21 -10.24
CA ILE B 124 -5.80 -19.22 -11.29
C ILE B 124 -5.31 -20.65 -11.50
N GLU B 125 -5.54 -21.18 -12.69
CA GLU B 125 -4.99 -22.48 -13.06
C GLU B 125 -3.49 -22.34 -13.27
N PRO B 126 -2.66 -23.02 -12.47
CA PRO B 126 -1.20 -22.92 -12.69
C PRO B 126 -0.81 -23.50 -14.03
N THR B 127 0.04 -22.76 -14.75
CA THR B 127 0.52 -23.21 -16.06
C THR B 127 1.75 -24.10 -15.90
N LEU B 128 1.63 -25.14 -15.08
CA LEU B 128 2.60 -26.20 -14.97
C LEU B 128 2.11 -27.44 -15.71
N PRO B 129 2.99 -28.16 -16.40
CA PRO B 129 2.54 -29.32 -17.17
C PRO B 129 2.37 -30.53 -16.26
N ASN B 130 1.21 -31.18 -16.35
CA ASN B 130 0.94 -32.41 -15.59
C ASN B 130 1.23 -32.20 -14.11
N TRP B 131 0.76 -31.08 -13.57
CA TRP B 131 1.17 -30.66 -12.24
C TRP B 131 0.46 -31.39 -11.11
N PHE B 132 -0.61 -32.15 -11.41
CA PHE B 132 -1.36 -32.88 -10.38
C PHE B 132 -1.66 -34.25 -10.97
N ALA B 133 -0.75 -35.20 -10.76
CA ALA B 133 -0.80 -36.47 -11.49
C ALA B 133 -0.68 -37.65 -10.55
N VAL B 134 -1.70 -38.52 -10.55
CA VAL B 134 -1.59 -39.81 -9.89
C VAL B 134 -0.68 -40.70 -10.72
N THR B 135 0.23 -41.41 -10.06
CA THR B 135 1.23 -42.19 -10.78
C THR B 135 0.64 -43.55 -11.13
N LYS B 136 0.58 -43.83 -12.43
CA LYS B 136 -0.04 -45.07 -12.88
C LYS B 136 1.03 -46.16 -12.96
N THR B 137 0.78 -47.23 -13.72
CA THR B 137 1.47 -48.49 -13.47
C THR B 137 2.25 -49.04 -14.67
N ARG B 138 1.69 -48.96 -15.88
CA ARG B 138 2.47 -49.22 -17.08
C ARG B 138 2.12 -48.24 -18.18
N ASN B 139 1.34 -47.19 -17.87
CA ASN B 139 1.15 -46.00 -18.69
C ASN B 139 0.36 -46.25 -19.96
N GLY B 140 -0.28 -47.41 -20.10
CA GLY B 140 -1.00 -47.77 -21.32
C GLY B 140 -2.38 -47.18 -21.38
N ALA B 141 -3.25 -47.84 -22.16
CA ALA B 141 -4.63 -47.37 -22.34
C ALA B 141 -5.43 -47.62 -21.05
N GLY B 142 -5.88 -46.54 -20.42
CA GLY B 142 -6.47 -46.59 -19.10
C GLY B 142 -5.42 -46.40 -18.02
N GLY B 143 -4.24 -47.00 -18.23
CA GLY B 143 -3.12 -46.87 -17.31
C GLY B 143 -3.11 -47.89 -16.21
N GLY B 144 -3.80 -47.59 -15.11
CA GLY B 144 -3.82 -48.43 -13.93
C GLY B 144 -3.19 -47.72 -12.75
N ASN B 145 -3.98 -47.39 -11.73
CA ASN B 145 -3.49 -46.63 -10.59
C ASN B 145 -2.49 -47.47 -9.81
N LYS B 146 -1.22 -47.06 -9.82
CA LYS B 146 -0.21 -47.82 -9.09
C LYS B 146 -0.43 -47.72 -7.59
N VAL B 147 -0.42 -48.86 -6.92
CA VAL B 147 -0.41 -48.95 -5.47
C VAL B 147 0.95 -49.49 -5.06
N VAL B 148 1.57 -48.82 -4.09
CA VAL B 148 2.95 -49.14 -3.75
C VAL B 148 3.02 -49.47 -2.27
N ASP B 149 4.00 -50.31 -1.92
CA ASP B 149 4.21 -50.76 -0.55
C ASP B 149 4.85 -49.66 0.29
N GLU B 150 4.71 -49.79 1.61
CA GLU B 150 5.41 -48.89 2.53
C GLU B 150 6.91 -48.85 2.26
N SER B 151 7.47 -49.96 1.76
CA SER B 151 8.88 -50.03 1.40
C SER B 151 9.30 -48.94 0.43
N TYR B 152 8.36 -48.35 -0.31
CA TYR B 152 8.68 -47.24 -1.20
C TYR B 152 9.37 -46.12 -0.44
N ILE B 153 8.92 -45.84 0.78
CA ILE B 153 9.44 -44.69 1.53
C ILE B 153 10.93 -44.84 1.83
N PRO B 154 11.41 -45.96 2.37
CA PRO B 154 12.87 -46.08 2.53
C PRO B 154 13.60 -46.32 1.22
N ASN B 155 13.00 -47.05 0.28
CA ASN B 155 13.73 -47.40 -0.94
C ASN B 155 13.99 -46.18 -1.81
N TYR B 156 13.00 -45.27 -1.92
CA TYR B 156 13.05 -44.20 -2.91
C TYR B 156 13.08 -42.79 -2.33
N LEU B 157 12.43 -42.56 -1.18
CA LEU B 157 12.26 -41.19 -0.70
C LEU B 157 13.30 -40.79 0.35
N LEU B 158 13.45 -41.59 1.41
CA LEU B 158 14.45 -41.29 2.43
C LEU B 158 15.86 -41.07 1.91
N PRO B 159 16.37 -41.78 0.90
CA PRO B 159 17.77 -41.57 0.48
C PRO B 159 18.04 -40.20 -0.13
N LYS B 160 17.02 -39.42 -0.46
CA LYS B 160 17.27 -38.10 -1.01
C LYS B 160 18.07 -37.24 -0.04
N THR B 161 18.92 -36.39 -0.58
CA THR B 161 19.69 -35.46 0.23
C THR B 161 19.58 -34.07 -0.37
N GLN B 162 19.84 -33.07 0.47
CA GLN B 162 19.79 -31.68 0.03
C GLN B 162 20.75 -31.47 -1.14
N PRO B 163 20.45 -30.55 -2.06
CA PRO B 163 19.31 -29.63 -2.00
C PRO B 163 18.03 -30.24 -2.54
N GLU B 164 18.10 -31.43 -3.13
CA GLU B 164 16.91 -32.07 -3.67
C GLU B 164 15.84 -32.21 -2.59
N LEU B 165 16.18 -32.89 -1.50
CA LEU B 165 15.29 -32.92 -0.34
C LEU B 165 15.07 -31.51 0.19
N GLN B 166 13.81 -31.09 0.25
CA GLN B 166 13.45 -29.77 0.77
C GLN B 166 12.65 -29.86 2.07
N TRP B 167 11.64 -30.73 2.13
CA TRP B 167 10.85 -30.86 3.36
C TRP B 167 10.09 -32.19 3.33
N ALA B 168 9.49 -32.53 4.48
CA ALA B 168 8.71 -33.76 4.57
C ALA B 168 7.76 -33.71 5.74
N TRP B 169 6.61 -34.36 5.57
CA TRP B 169 5.57 -34.48 6.59
C TRP B 169 5.11 -35.93 6.62
N THR B 170 4.73 -36.42 7.81
CA THR B 170 4.27 -37.80 7.87
C THR B 170 3.31 -38.04 9.04
N ASN B 171 2.36 -38.95 8.79
CA ASN B 171 1.49 -39.49 9.82
C ASN B 171 2.19 -40.59 10.61
N MET B 172 3.14 -41.28 9.98
CA MET B 172 3.55 -42.61 10.41
C MET B 172 4.59 -42.53 11.51
N GLU B 173 4.31 -43.21 12.64
CA GLU B 173 5.22 -43.18 13.79
C GLU B 173 6.64 -43.56 13.40
N GLN B 174 6.78 -44.56 12.51
CA GLN B 174 8.10 -45.06 12.16
C GLN B 174 8.96 -44.04 11.42
N TYR B 175 8.37 -42.93 10.96
CA TYR B 175 9.11 -41.96 10.17
C TYR B 175 9.02 -40.53 10.71
N LEU B 176 8.45 -40.33 11.90
CA LEU B 176 8.34 -38.98 12.46
C LEU B 176 9.69 -38.26 12.48
N SER B 177 10.66 -38.83 13.21
CA SER B 177 11.94 -38.16 13.37
C SER B 177 12.76 -38.13 12.09
N ALA B 178 12.47 -39.02 11.13
CA ALA B 178 13.25 -39.10 9.91
C ALA B 178 12.89 -38.04 8.87
N CYS B 179 11.77 -37.34 9.06
CA CYS B 179 11.29 -36.40 8.04
C CYS B 179 12.34 -35.34 7.73
N LEU B 180 12.79 -34.62 8.76
CA LEU B 180 13.73 -33.51 8.57
C LEU B 180 15.10 -33.81 9.16
N ASN B 181 15.46 -35.08 9.30
CA ASN B 181 16.75 -35.48 9.88
C ASN B 181 17.50 -36.36 8.91
N LEU B 182 18.66 -35.86 8.45
CA LEU B 182 19.42 -36.57 7.43
C LEU B 182 20.06 -37.84 8.00
N THR B 183 20.57 -37.76 9.23
CA THR B 183 21.20 -38.93 9.85
C THR B 183 20.19 -40.04 10.10
N GLU B 184 18.99 -39.68 10.57
CA GLU B 184 17.93 -40.67 10.74
C GLU B 184 17.58 -41.31 9.41
N ARG B 185 17.61 -40.52 8.33
CA ARG B 185 17.36 -41.07 7.00
C ARG B 185 18.43 -42.08 6.61
N LYS B 186 19.71 -41.71 6.76
CA LYS B 186 20.78 -42.64 6.40
C LYS B 186 20.69 -43.93 7.20
N ARG B 187 20.40 -43.82 8.51
CA ARG B 187 20.34 -45.01 9.34
C ARG B 187 19.14 -45.89 8.98
N LEU B 188 17.97 -45.28 8.69
CA LEU B 188 16.81 -46.11 8.38
C LEU B 188 16.91 -46.72 6.99
N VAL B 189 17.51 -46.02 6.03
CA VAL B 189 17.73 -46.63 4.72
C VAL B 189 18.72 -47.78 4.84
N ALA B 190 19.75 -47.64 5.69
CA ALA B 190 20.67 -48.76 5.90
C ALA B 190 19.98 -49.94 6.57
N GLN B 191 19.10 -49.65 7.54
CA GLN B 191 18.41 -50.72 8.25
C GLN B 191 17.48 -51.50 7.31
N HIS B 192 16.64 -50.78 6.56
CA HIS B 192 15.81 -51.48 5.57
C HIS B 192 16.66 -52.18 4.53
N LEU B 193 17.81 -51.60 4.16
CA LEU B 193 18.69 -52.24 3.19
C LEU B 193 19.11 -53.62 3.67
N THR B 194 19.77 -53.68 4.83
CA THR B 194 20.20 -54.98 5.34
C THR B 194 19.01 -55.92 5.57
N HIS B 195 17.91 -55.40 6.14
CA HIS B 195 16.75 -56.23 6.45
C HIS B 195 16.18 -56.90 5.20
N VAL B 196 15.79 -56.11 4.21
CA VAL B 196 15.10 -56.67 3.05
C VAL B 196 16.08 -57.41 2.15
N SER B 197 17.31 -56.91 2.01
CA SER B 197 18.27 -57.54 1.11
C SER B 197 18.88 -58.82 1.68
N GLN B 198 18.77 -59.05 2.99
CA GLN B 198 19.28 -60.31 3.53
C GLN B 198 18.41 -61.49 3.11
N THR B 199 17.09 -61.33 3.11
CA THR B 199 16.18 -62.46 2.94
C THR B 199 16.44 -63.21 1.64
N GLN B 200 16.57 -64.54 1.75
CA GLN B 200 16.98 -65.41 0.65
C GLN B 200 18.25 -64.91 -0.02
N MET C 1 -12.79 19.19 23.45
CA MET C 1 -13.65 18.27 22.73
C MET C 1 -12.98 17.77 21.44
N PRO C 2 -12.77 16.45 21.32
CA PRO C 2 -12.07 15.91 20.14
C PRO C 2 -12.99 15.74 18.94
N GLY C 3 -14.13 15.10 19.12
CA GLY C 3 -15.07 14.83 18.05
C GLY C 3 -14.94 13.41 17.52
N PHE C 4 -15.99 12.95 16.85
CA PHE C 4 -16.03 11.59 16.33
C PHE C 4 -16.48 11.57 14.87
N TYR C 5 -15.76 10.77 14.07
CA TYR C 5 -16.28 10.30 12.80
C TYR C 5 -17.15 9.08 13.05
N GLU C 6 -18.25 8.98 12.32
CA GLU C 6 -19.11 7.81 12.33
C GLU C 6 -19.03 7.10 10.99
N ILE C 7 -18.65 5.83 11.02
CA ILE C 7 -18.73 4.96 9.84
C ILE C 7 -19.78 3.91 10.14
N VAL C 8 -20.74 3.76 9.23
CA VAL C 8 -21.77 2.75 9.36
C VAL C 8 -21.44 1.63 8.39
N ILE C 9 -21.27 0.43 8.94
CA ILE C 9 -20.86 -0.75 8.17
C ILE C 9 -22.00 -1.75 8.23
N LYS C 10 -22.53 -2.12 7.08
CA LYS C 10 -23.49 -3.20 7.04
C LYS C 10 -22.76 -4.54 7.19
N VAL C 11 -23.37 -5.46 7.92
CA VAL C 11 -22.81 -6.78 8.15
C VAL C 11 -23.67 -7.79 7.40
N PRO C 12 -23.09 -8.63 6.54
CA PRO C 12 -23.90 -9.63 5.84
C PRO C 12 -24.55 -10.57 6.85
N SER C 13 -25.79 -10.96 6.54
CA SER C 13 -26.56 -11.84 7.41
C SER C 13 -27.20 -13.01 6.68
N ASP C 14 -27.37 -12.94 5.36
CA ASP C 14 -27.77 -14.09 4.56
C ASP C 14 -26.60 -14.38 3.63
N LEU C 15 -25.97 -15.53 3.84
CA LEU C 15 -24.79 -15.91 3.06
C LEU C 15 -25.12 -15.94 1.57
N ASP C 16 -26.21 -16.63 1.20
CA ASP C 16 -26.62 -16.67 -0.20
C ASP C 16 -26.87 -15.28 -0.76
N GLU C 17 -27.58 -14.45 0.02
CA GLU C 17 -28.09 -13.18 -0.49
C GLU C 17 -27.03 -12.09 -0.50
N HIS C 18 -26.12 -12.09 0.48
CA HIS C 18 -25.18 -10.98 0.66
C HIS C 18 -23.74 -11.32 0.30
N LEU C 19 -23.35 -12.59 0.38
CA LEU C 19 -22.00 -13.02 0.01
C LEU C 19 -22.08 -14.15 -1.02
N PRO C 20 -22.61 -13.88 -2.22
CA PRO C 20 -22.69 -14.93 -3.23
C PRO C 20 -21.30 -15.35 -3.67
N GLY C 21 -21.05 -16.66 -3.65
CA GLY C 21 -19.75 -17.17 -4.01
C GLY C 21 -18.72 -17.14 -2.92
N ILE C 22 -19.11 -16.87 -1.67
CA ILE C 22 -18.16 -16.95 -0.57
C ILE C 22 -17.72 -18.40 -0.40
N SER C 23 -16.51 -18.58 0.14
CA SER C 23 -15.91 -19.89 0.27
C SER C 23 -16.61 -20.72 1.34
N ASP C 24 -16.47 -22.05 1.21
CA ASP C 24 -16.92 -22.95 2.26
C ASP C 24 -16.22 -22.64 3.59
N SER C 25 -14.95 -22.22 3.52
CA SER C 25 -14.19 -21.92 4.73
C SER C 25 -14.85 -20.82 5.53
N PHE C 26 -15.31 -19.76 4.84
CA PHE C 26 -16.08 -18.72 5.49
C PHE C 26 -17.33 -19.28 6.15
N VAL C 27 -18.03 -20.18 5.45
CA VAL C 27 -19.24 -20.77 5.99
C VAL C 27 -18.94 -21.48 7.30
N ASN C 28 -17.88 -22.30 7.31
CA ASN C 28 -17.51 -23.02 8.53
C ASN C 28 -17.14 -22.07 9.65
N TRP C 29 -16.39 -21.02 9.31
CA TRP C 29 -16.03 -20.01 10.29
C TRP C 29 -17.26 -19.45 11.00
N VAL C 30 -18.20 -18.91 10.22
CA VAL C 30 -19.36 -18.25 10.84
C VAL C 30 -20.30 -19.26 11.46
N ALA C 31 -20.31 -20.50 10.97
CA ALA C 31 -21.19 -21.51 11.53
C ALA C 31 -20.61 -22.13 12.79
N GLU C 32 -19.34 -21.89 13.09
CA GLU C 32 -18.74 -22.36 14.35
C GLU C 32 -18.71 -21.26 15.41
N LYS C 33 -19.74 -20.41 15.44
CA LYS C 33 -19.74 -19.22 16.29
C LYS C 33 -20.30 -19.55 17.66
N GLU C 34 -19.47 -19.42 18.70
CA GLU C 34 -19.92 -19.49 20.08
C GLU C 34 -19.47 -18.21 20.78
N TRP C 35 -20.43 -17.33 21.09
CA TRP C 35 -20.16 -16.11 21.83
C TRP C 35 -20.93 -16.17 23.14
N GLU C 36 -20.22 -15.94 24.24
CA GLU C 36 -20.85 -15.87 25.56
C GLU C 36 -20.79 -14.43 26.06
N LEU C 37 -21.87 -14.01 26.72
CA LEU C 37 -21.86 -12.69 27.31
C LEU C 37 -21.03 -12.71 28.60
N PRO C 38 -20.41 -11.59 28.95
CA PRO C 38 -19.67 -11.52 30.21
C PRO C 38 -20.61 -11.65 31.39
N PRO C 39 -20.11 -12.11 32.54
CA PRO C 39 -21.00 -12.31 33.69
C PRO C 39 -21.65 -11.04 34.19
N ASP C 40 -21.02 -9.88 33.97
CA ASP C 40 -21.61 -8.61 34.37
C ASP C 40 -22.77 -8.18 33.48
N SER C 41 -23.09 -8.92 32.42
CA SER C 41 -24.09 -8.50 31.44
C SER C 41 -25.48 -8.99 31.85
N ASP C 42 -26.50 -8.28 31.38
CA ASP C 42 -27.89 -8.62 31.64
C ASP C 42 -28.70 -8.79 30.36
N MET C 43 -28.04 -8.97 29.22
CA MET C 43 -28.72 -9.16 27.96
C MET C 43 -29.13 -10.62 27.78
N ASP C 44 -30.15 -10.83 26.95
CA ASP C 44 -30.64 -12.17 26.64
C ASP C 44 -29.89 -12.71 25.44
N LEU C 45 -29.05 -13.72 25.67
CA LEU C 45 -28.24 -14.29 24.58
C LEU C 45 -29.12 -14.80 23.44
N ASN C 46 -30.33 -15.26 23.75
CA ASN C 46 -31.20 -15.83 22.73
C ASN C 46 -31.68 -14.83 21.70
N LEU C 47 -31.40 -13.54 21.88
CA LEU C 47 -31.77 -12.51 20.92
C LEU C 47 -30.56 -11.94 20.19
N ILE C 48 -29.41 -12.60 20.28
CA ILE C 48 -28.19 -12.21 19.61
C ILE C 48 -27.88 -13.27 18.58
N GLU C 49 -27.79 -12.88 17.31
CA GLU C 49 -27.56 -13.82 16.22
C GLU C 49 -26.06 -14.08 16.05
N GLN C 50 -25.67 -15.35 16.14
CA GLN C 50 -24.26 -15.67 16.38
C GLN C 50 -23.40 -15.46 15.14
N ALA C 51 -23.83 -15.95 13.98
CA ALA C 51 -23.02 -15.81 12.77
C ALA C 51 -22.82 -14.35 12.36
N PRO C 52 -23.86 -13.51 12.26
CA PRO C 52 -23.60 -12.10 11.97
C PRO C 52 -22.76 -11.45 13.03
N LEU C 53 -22.91 -11.87 14.29
CA LEU C 53 -22.06 -11.33 15.34
C LEU C 53 -20.60 -11.62 15.07
N THR C 54 -20.29 -12.85 14.65
CA THR C 54 -18.91 -13.21 14.33
C THR C 54 -18.35 -12.30 13.25
N VAL C 55 -19.08 -12.17 12.14
CA VAL C 55 -18.59 -11.32 11.06
C VAL C 55 -18.42 -9.88 11.54
N ALA C 56 -19.39 -9.37 12.30
CA ALA C 56 -19.32 -7.99 12.77
C ALA C 56 -18.15 -7.78 13.71
N GLU C 57 -17.90 -8.74 14.59
CA GLU C 57 -16.85 -8.58 15.57
C GLU C 57 -15.50 -8.48 14.88
N LYS C 58 -15.22 -9.39 13.94
CA LYS C 58 -13.92 -9.28 13.28
C LYS C 58 -13.85 -8.03 12.40
N LEU C 59 -14.95 -7.69 11.74
CA LEU C 59 -15.02 -6.46 10.95
C LEU C 59 -14.59 -5.26 11.80
N GLN C 60 -15.21 -5.09 12.97
CA GLN C 60 -14.91 -3.93 13.80
C GLN C 60 -13.49 -3.98 14.34
N ARG C 61 -13.03 -5.15 14.79
CA ARG C 61 -11.68 -5.27 15.35
C ARG C 61 -10.62 -4.87 14.32
N ASP C 62 -10.75 -5.39 13.10
CA ASP C 62 -9.77 -5.08 12.07
C ASP C 62 -9.88 -3.63 11.60
N PHE C 63 -11.11 -3.10 11.51
CA PHE C 63 -11.25 -1.69 11.22
C PHE C 63 -10.46 -0.86 12.23
N LEU C 64 -10.59 -1.19 13.51
CA LEU C 64 -9.96 -0.35 14.53
C LEU C 64 -8.45 -0.45 14.47
N THR C 65 -7.89 -1.65 14.25
CA THR C 65 -6.43 -1.71 14.18
C THR C 65 -5.91 -0.96 12.95
N GLU C 66 -6.62 -1.04 11.82
CA GLU C 66 -6.20 -0.24 10.67
C GLU C 66 -6.35 1.25 10.94
N TRP C 67 -7.37 1.65 11.69
CA TRP C 67 -7.52 3.06 12.03
C TRP C 67 -6.35 3.54 12.88
N ARG C 68 -5.92 2.73 13.84
CA ARG C 68 -4.77 3.12 14.65
C ARG C 68 -3.51 3.23 13.80
N ARG C 69 -3.32 2.31 12.85
CA ARG C 69 -2.17 2.44 11.95
C ARG C 69 -2.22 3.75 11.18
N VAL C 70 -3.38 4.06 10.60
CA VAL C 70 -3.44 5.16 9.64
C VAL C 70 -3.59 6.52 10.31
N SER C 71 -4.09 6.57 11.54
CA SER C 71 -4.16 7.82 12.29
C SER C 71 -2.90 8.09 13.07
N LYS C 72 -1.96 7.13 13.09
CA LYS C 72 -0.74 7.22 13.88
C LYS C 72 -1.04 7.61 15.32
N ALA C 73 -2.16 7.10 15.84
CA ALA C 73 -2.62 7.46 17.19
C ALA C 73 -3.38 6.29 17.79
N PRO C 74 -2.67 5.31 18.36
CA PRO C 74 -3.36 4.23 19.08
C PRO C 74 -3.99 4.80 20.34
N GLU C 75 -4.62 3.96 21.15
CA GLU C 75 -5.39 4.40 22.30
C GLU C 75 -6.49 5.38 21.93
N ALA C 76 -6.74 5.57 20.63
CA ALA C 76 -7.78 6.49 20.20
C ALA C 76 -9.13 5.98 20.66
N LEU C 77 -9.99 6.89 21.12
CA LEU C 77 -11.27 6.51 21.66
C LEU C 77 -12.20 6.02 20.55
N PHE C 78 -12.95 4.97 20.84
CA PHE C 78 -13.93 4.46 19.91
C PHE C 78 -15.14 3.94 20.66
N PHE C 79 -16.26 3.87 19.95
CA PHE C 79 -17.45 3.20 20.45
C PHE C 79 -18.17 2.56 19.28
N VAL C 80 -18.34 1.25 19.32
CA VAL C 80 -18.92 0.50 18.22
C VAL C 80 -20.16 -0.21 18.74
N GLN C 81 -21.30 0.06 18.13
CA GLN C 81 -22.53 -0.65 18.48
C GLN C 81 -23.05 -1.38 17.25
N PHE C 82 -23.13 -2.70 17.37
CA PHE C 82 -23.65 -3.60 16.34
C PHE C 82 -25.12 -3.86 16.64
N GLU C 83 -25.99 -3.60 15.67
CA GLU C 83 -27.42 -3.74 15.87
C GLU C 83 -28.08 -4.38 14.66
N LYS C 84 -29.23 -5.03 14.91
CA LYS C 84 -30.06 -5.63 13.88
C LYS C 84 -31.08 -4.59 13.44
N GLY C 85 -30.88 -4.02 12.27
CA GLY C 85 -31.52 -2.79 11.89
C GLY C 85 -32.78 -2.95 11.08
N GLU C 86 -33.10 -1.88 10.34
CA GLU C 86 -34.29 -1.81 9.50
C GLU C 86 -34.43 -3.03 8.60
N SER C 87 -33.35 -3.38 7.88
CA SER C 87 -33.38 -4.35 6.81
C SER C 87 -32.06 -5.11 6.75
N TYR C 88 -31.01 -4.52 7.30
CA TYR C 88 -29.69 -5.13 7.35
C TYR C 88 -29.13 -4.98 8.75
N PHE C 89 -28.42 -6.01 9.21
CA PHE C 89 -27.54 -5.83 10.36
C PHE C 89 -26.49 -4.78 10.02
N HIS C 90 -26.18 -3.92 10.96
CA HIS C 90 -25.13 -2.92 10.72
C HIS C 90 -24.54 -2.51 12.05
N MET C 91 -23.40 -1.84 11.99
CA MET C 91 -22.84 -1.28 13.20
C MET C 91 -22.36 0.13 12.95
N HIS C 92 -22.60 0.98 13.94
CA HIS C 92 -22.03 2.30 14.00
C HIS C 92 -20.69 2.20 14.72
N VAL C 93 -19.62 2.52 14.02
CA VAL C 93 -18.34 2.65 14.70
C VAL C 93 -17.98 4.14 14.70
N LEU C 94 -17.81 4.65 15.92
CA LEU C 94 -17.39 6.02 16.17
C LEU C 94 -15.91 6.01 16.55
N VAL C 95 -15.12 6.81 15.86
CA VAL C 95 -13.70 6.98 16.18
C VAL C 95 -13.39 8.45 16.37
N GLU C 96 -12.56 8.72 17.38
CA GLU C 96 -12.01 10.06 17.59
C GLU C 96 -11.34 10.58 16.33
N THR C 97 -11.63 11.84 16.00
CA THR C 97 -11.11 12.40 14.76
C THR C 97 -9.61 12.66 14.80
N THR C 98 -9.02 12.77 15.99
CA THR C 98 -7.61 13.17 16.08
C THR C 98 -6.73 12.19 15.34
N GLY C 99 -5.87 12.72 14.47
CA GLY C 99 -5.00 11.92 13.63
C GLY C 99 -5.36 11.93 12.17
N VAL C 100 -6.63 12.20 11.83
CA VAL C 100 -7.13 12.11 10.46
C VAL C 100 -7.88 13.40 10.17
N LYS C 101 -7.18 14.39 9.60
CA LYS C 101 -7.87 15.60 9.17
C LYS C 101 -8.86 15.22 8.07
N SER C 102 -10.01 15.91 8.05
CA SER C 102 -11.14 15.46 7.24
C SER C 102 -10.76 15.25 5.79
N MET C 103 -9.90 16.12 5.25
CA MET C 103 -9.57 16.05 3.83
C MET C 103 -9.07 14.67 3.43
N VAL C 104 -8.28 14.02 4.29
CA VAL C 104 -7.70 12.72 3.95
C VAL C 104 -8.56 11.55 4.45
N LEU C 105 -9.66 11.82 5.15
CA LEU C 105 -10.46 10.73 5.72
C LEU C 105 -11.04 9.85 4.62
N GLY C 106 -11.54 10.45 3.54
CA GLY C 106 -12.08 9.64 2.46
C GLY C 106 -11.08 8.65 1.92
N ARG C 107 -9.85 9.12 1.67
CA ARG C 107 -8.81 8.26 1.14
C ARG C 107 -8.48 7.13 2.12
N PHE C 108 -8.23 7.50 3.39
CA PHE C 108 -7.92 6.49 4.39
C PHE C 108 -9.02 5.44 4.47
N LEU C 109 -10.28 5.90 4.42
CA LEU C 109 -11.40 4.99 4.58
C LEU C 109 -11.52 4.07 3.38
N SER C 110 -11.26 4.58 2.18
CA SER C 110 -11.25 3.70 1.01
C SER C 110 -10.18 2.62 1.15
N GLN C 111 -8.99 3.02 1.62
CA GLN C 111 -7.92 2.05 1.84
C GLN C 111 -8.33 0.96 2.82
N ILE C 112 -8.90 1.36 3.96
CA ILE C 112 -9.20 0.37 4.98
C ILE C 112 -10.40 -0.48 4.58
N ARG C 113 -11.34 0.09 3.82
CA ARG C 113 -12.41 -0.72 3.25
C ARG C 113 -11.85 -1.84 2.38
N GLU C 114 -10.90 -1.49 1.50
CA GLU C 114 -10.29 -2.52 0.66
C GLU C 114 -9.53 -3.56 1.50
N LYS C 115 -8.82 -3.10 2.53
CA LYS C 115 -8.11 -4.05 3.39
C LYS C 115 -9.08 -5.01 4.07
N LEU C 116 -10.26 -4.52 4.47
CA LEU C 116 -11.27 -5.37 5.07
C LEU C 116 -11.80 -6.39 4.07
N ILE C 117 -12.12 -5.93 2.85
CA ILE C 117 -12.59 -6.84 1.82
C ILE C 117 -11.59 -7.98 1.63
N GLN C 118 -10.30 -7.64 1.52
CA GLN C 118 -9.28 -8.65 1.29
C GLN C 118 -9.13 -9.58 2.49
N ARG C 119 -8.95 -9.01 3.68
CA ARG C 119 -8.65 -9.83 4.85
C ARG C 119 -9.86 -10.59 5.35
N ILE C 120 -11.07 -10.06 5.14
CA ILE C 120 -12.26 -10.73 5.67
C ILE C 120 -13.05 -11.44 4.56
N TYR C 121 -13.68 -10.70 3.66
CA TYR C 121 -14.45 -11.40 2.64
C TYR C 121 -13.58 -12.07 1.57
N ARG C 122 -12.26 -12.12 1.81
CA ARG C 122 -11.31 -12.85 0.97
C ARG C 122 -11.46 -12.46 -0.50
N GLY C 123 -11.57 -11.16 -0.74
CA GLY C 123 -11.62 -10.61 -2.08
C GLY C 123 -13.00 -10.49 -2.68
N ILE C 124 -14.04 -10.98 -2.02
CA ILE C 124 -15.40 -10.94 -2.56
C ILE C 124 -16.08 -9.66 -2.07
N GLU C 125 -16.49 -8.83 -3.02
CA GLU C 125 -17.22 -7.62 -2.67
C GLU C 125 -18.61 -7.98 -2.16
N PRO C 126 -18.93 -7.68 -0.89
CA PRO C 126 -20.27 -8.01 -0.38
C PRO C 126 -21.36 -7.31 -1.18
N THR C 127 -22.44 -8.04 -1.45
CA THR C 127 -23.57 -7.49 -2.19
C THR C 127 -24.61 -6.91 -1.24
N LEU C 128 -24.17 -5.89 -0.49
CA LEU C 128 -24.95 -5.04 0.37
C LEU C 128 -24.85 -3.60 -0.12
N PRO C 129 -25.96 -2.86 -0.20
CA PRO C 129 -25.90 -1.51 -0.74
C PRO C 129 -25.30 -0.54 0.27
N ASN C 130 -24.33 0.25 -0.17
CA ASN C 130 -23.72 1.29 0.66
C ASN C 130 -23.22 0.71 1.99
N TRP C 131 -22.61 -0.48 1.92
CA TRP C 131 -22.32 -1.25 3.13
C TRP C 131 -21.19 -0.68 3.97
N PHE C 132 -20.49 0.36 3.50
CA PHE C 132 -19.35 0.91 4.23
C PHE C 132 -19.33 2.41 3.96
N ALA C 133 -20.00 3.19 4.81
CA ALA C 133 -20.23 4.60 4.51
C ALA C 133 -19.95 5.49 5.71
N VAL C 134 -19.15 6.54 5.50
CA VAL C 134 -18.95 7.55 6.53
C VAL C 134 -20.17 8.47 6.56
N THR C 135 -20.53 8.92 7.76
CA THR C 135 -21.74 9.74 7.95
C THR C 135 -21.45 11.17 7.52
N LYS C 136 -22.05 11.59 6.42
CA LYS C 136 -21.83 12.93 5.90
C LYS C 136 -22.83 13.90 6.53
N THR C 137 -22.77 15.17 6.14
CA THR C 137 -23.33 16.22 6.98
C THR C 137 -24.63 16.83 6.46
N ARG C 138 -24.75 17.11 5.16
CA ARG C 138 -26.04 17.52 4.60
C ARG C 138 -26.24 16.93 3.21
N ASN C 139 -25.35 16.04 2.78
CA ASN C 139 -25.46 15.26 1.55
C ASN C 139 -25.44 16.12 0.29
N GLY C 140 -25.18 17.43 0.42
CA GLY C 140 -25.16 18.32 -0.73
C GLY C 140 -23.95 18.13 -1.61
N ALA C 141 -23.40 19.22 -2.13
CA ALA C 141 -22.24 19.16 -3.01
C ALA C 141 -20.97 19.14 -2.16
N GLY C 142 -20.12 18.14 -2.42
CA GLY C 142 -18.97 17.87 -1.56
C GLY C 142 -19.37 17.07 -0.33
N GLY C 143 -20.59 17.29 0.13
CA GLY C 143 -21.11 16.64 1.32
C GLY C 143 -20.54 17.26 2.58
N GLY C 144 -19.48 16.65 3.10
CA GLY C 144 -18.86 17.08 4.34
C GLY C 144 -18.91 16.01 5.40
N ASN C 145 -17.76 15.63 5.94
CA ASN C 145 -17.71 14.55 6.92
C ASN C 145 -18.20 15.06 8.26
N LYS C 146 -19.36 14.56 8.71
CA LYS C 146 -19.94 15.03 9.97
C LYS C 146 -19.07 14.60 11.14
N VAL C 147 -18.98 15.46 12.14
CA VAL C 147 -18.18 15.24 13.35
C VAL C 147 -19.16 15.19 14.52
N VAL C 148 -19.54 14.01 14.95
CA VAL C 148 -20.57 13.88 15.98
C VAL C 148 -19.96 14.10 17.36
N ASP C 149 -20.76 14.69 18.25
CA ASP C 149 -20.33 14.90 19.62
C ASP C 149 -20.49 13.61 20.42
N GLU C 150 -19.75 13.52 21.54
CA GLU C 150 -19.87 12.33 22.39
C GLU C 150 -21.30 12.13 22.86
N SER C 151 -22.06 13.22 22.99
CA SER C 151 -23.46 13.13 23.37
C SER C 151 -24.27 12.26 22.41
N TYR C 152 -23.72 11.94 21.24
CA TYR C 152 -24.38 11.01 20.32
C TYR C 152 -24.57 9.65 20.97
N ILE C 153 -23.55 9.19 21.71
CA ILE C 153 -23.60 7.86 22.30
C ILE C 153 -24.77 7.70 23.26
N PRO C 154 -25.01 8.61 24.23
CA PRO C 154 -26.19 8.45 25.09
C PRO C 154 -27.49 8.88 24.41
N ASN C 155 -27.44 9.87 23.52
CA ASN C 155 -28.68 10.34 22.90
C ASN C 155 -29.26 9.34 21.91
N TYR C 156 -28.41 8.54 21.24
CA TYR C 156 -28.91 7.74 20.13
C TYR C 156 -28.52 6.26 20.22
N LEU C 157 -27.36 5.94 20.78
CA LEU C 157 -26.92 4.54 20.75
C LEU C 157 -27.29 3.77 22.00
N LEU C 158 -26.95 4.31 23.18
CA LEU C 158 -27.28 3.65 24.44
C LEU C 158 -28.75 3.26 24.58
N PRO C 159 -29.73 4.08 24.19
CA PRO C 159 -31.14 3.71 24.43
C PRO C 159 -31.63 2.50 23.63
N LYS C 160 -30.86 2.00 22.67
CA LYS C 160 -31.30 0.85 21.90
C LYS C 160 -31.47 -0.35 22.82
N THR C 161 -32.43 -1.21 22.47
CA THR C 161 -32.73 -2.40 23.26
C THR C 161 -32.83 -3.60 22.35
N GLN C 162 -32.58 -4.77 22.93
CA GLN C 162 -32.77 -6.03 22.21
C GLN C 162 -34.20 -6.09 21.67
N PRO C 163 -34.42 -6.71 20.51
CA PRO C 163 -33.38 -7.39 19.73
C PRO C 163 -32.64 -6.46 18.78
N GLU C 164 -32.99 -5.17 18.75
CA GLU C 164 -32.24 -4.25 17.91
C GLU C 164 -30.79 -4.18 18.36
N LEU C 165 -30.55 -3.95 19.65
CA LEU C 165 -29.21 -4.00 20.18
C LEU C 165 -28.65 -5.42 20.09
N GLN C 166 -27.46 -5.56 19.52
CA GLN C 166 -26.84 -6.87 19.34
C GLN C 166 -25.51 -7.02 20.09
N TRP C 167 -24.61 -6.05 19.97
CA TRP C 167 -23.35 -6.08 20.72
C TRP C 167 -22.77 -4.67 20.76
N ALA C 168 -21.78 -4.49 21.61
CA ALA C 168 -21.09 -3.21 21.71
C ALA C 168 -19.68 -3.41 22.21
N TRP C 169 -18.76 -2.62 21.66
CA TRP C 169 -17.36 -2.59 22.07
C TRP C 169 -16.95 -1.15 22.32
N THR C 170 -16.09 -0.95 23.32
CA THR C 170 -15.58 0.38 23.57
C THR C 170 -14.29 0.30 24.39
N ASN C 171 -13.49 1.36 24.29
CA ASN C 171 -12.40 1.59 25.22
C ASN C 171 -12.64 2.84 26.06
N MET C 172 -13.81 3.47 25.93
CA MET C 172 -14.13 4.65 26.71
C MET C 172 -14.57 4.24 28.11
N GLU C 173 -13.78 4.64 29.11
CA GLU C 173 -14.00 4.17 30.48
C GLU C 173 -15.43 4.43 30.96
N GLN C 174 -16.02 5.55 30.54
CA GLN C 174 -17.36 5.88 31.00
C GLN C 174 -18.40 4.88 30.51
N TYR C 175 -18.11 4.11 29.45
CA TYR C 175 -19.10 3.24 28.84
C TYR C 175 -18.71 1.77 28.86
N LEU C 176 -17.64 1.39 29.57
CA LEU C 176 -17.25 -0.01 29.64
C LEU C 176 -18.39 -0.90 30.10
N SER C 177 -18.85 -0.71 31.34
CA SER C 177 -19.88 -1.56 31.91
C SER C 177 -21.20 -1.45 31.16
N ALA C 178 -21.41 -0.35 30.42
CA ALA C 178 -22.68 -0.10 29.75
C ALA C 178 -22.82 -0.81 28.42
N CYS C 179 -21.73 -1.32 27.85
CA CYS C 179 -21.77 -1.89 26.50
C CYS C 179 -22.82 -2.98 26.39
N LEU C 180 -22.75 -3.97 27.28
CA LEU C 180 -23.64 -5.12 27.23
C LEU C 180 -24.55 -5.20 28.44
N ASN C 181 -24.78 -4.08 29.13
CA ASN C 181 -25.67 -4.05 30.29
C ASN C 181 -26.80 -3.06 30.03
N LEU C 182 -28.01 -3.59 29.87
CA LEU C 182 -29.16 -2.75 29.56
C LEU C 182 -29.49 -1.80 30.71
N THR C 183 -29.29 -2.25 31.96
CA THR C 183 -29.61 -1.38 33.10
C THR C 183 -28.63 -0.22 33.20
N GLU C 184 -27.34 -0.50 33.01
CA GLU C 184 -26.36 0.57 33.01
C GLU C 184 -26.64 1.55 31.88
N ARG C 185 -27.11 1.05 30.74
CA ARG C 185 -27.54 1.91 29.65
C ARG C 185 -28.67 2.83 30.10
N LYS C 186 -29.72 2.26 30.71
CA LYS C 186 -30.85 3.06 31.14
C LYS C 186 -30.40 4.15 32.12
N ARG C 187 -29.57 3.77 33.09
CA ARG C 187 -29.07 4.73 34.07
C ARG C 187 -28.28 5.85 33.39
N LEU C 188 -27.38 5.50 32.49
CA LEU C 188 -26.50 6.49 31.87
C LEU C 188 -27.30 7.47 31.01
N VAL C 189 -28.25 6.96 30.23
CA VAL C 189 -29.05 7.84 29.39
C VAL C 189 -29.92 8.74 30.26
N ALA C 190 -30.48 8.20 31.35
CA ALA C 190 -31.25 9.03 32.27
C ALA C 190 -30.40 10.14 32.85
N GLN C 191 -29.17 9.82 33.25
CA GLN C 191 -28.28 10.81 33.83
C GLN C 191 -27.99 11.92 32.84
N HIS C 192 -27.57 11.56 31.62
CA HIS C 192 -27.29 12.59 30.61
C HIS C 192 -28.51 13.46 30.36
N LEU C 193 -29.69 12.84 30.24
CA LEU C 193 -30.89 13.59 29.90
C LEU C 193 -31.24 14.60 31.00
N THR C 194 -31.33 14.14 32.25
CA THR C 194 -31.67 15.06 33.32
C THR C 194 -30.63 16.15 33.44
N HIS C 195 -29.34 15.79 33.29
CA HIS C 195 -28.29 16.80 33.42
C HIS C 195 -28.45 17.90 32.38
N VAL C 196 -28.60 17.53 31.11
CA VAL C 196 -28.64 18.57 30.08
C VAL C 196 -29.94 19.35 30.15
N SER C 197 -31.06 18.68 30.44
CA SER C 197 -32.34 19.37 30.51
C SER C 197 -32.34 20.40 31.64
N GLN C 198 -31.80 20.04 32.81
CA GLN C 198 -31.79 20.98 33.91
C GLN C 198 -30.76 22.10 33.67
N THR C 199 -29.60 21.77 33.11
CA THR C 199 -28.65 22.83 32.79
C THR C 199 -29.22 23.80 31.76
N GLN C 200 -30.04 23.31 30.83
CA GLN C 200 -30.64 24.21 29.86
C GLN C 200 -31.76 25.04 30.49
N GLU C 201 -32.48 24.48 31.46
CA GLU C 201 -33.38 25.33 32.24
C GLU C 201 -32.63 26.37 33.06
N GLN C 202 -31.34 26.17 33.30
CA GLN C 202 -30.54 27.23 33.93
C GLN C 202 -30.41 28.48 33.05
N ASN C 203 -30.98 28.46 31.84
CA ASN C 203 -31.20 29.70 31.11
C ASN C 203 -32.13 30.66 31.86
N LYS C 204 -32.79 30.18 32.92
CA LYS C 204 -33.70 30.99 33.72
C LYS C 204 -33.04 32.28 34.20
N GLU C 205 -31.71 32.34 34.24
CA GLU C 205 -31.00 33.58 34.53
C GLU C 205 -30.53 34.17 33.20
N ASN C 206 -31.44 34.94 32.58
CA ASN C 206 -31.19 35.80 31.42
C ASN C 206 -30.03 35.38 30.50
N MET D 1 -6.45 54.54 -11.91
CA MET D 1 -6.81 53.15 -11.69
C MET D 1 -5.96 52.20 -12.56
N PRO D 2 -5.40 51.15 -11.95
CA PRO D 2 -4.60 50.19 -12.72
C PRO D 2 -5.43 49.08 -13.33
N GLY D 3 -6.43 48.58 -12.62
CA GLY D 3 -7.31 47.54 -13.13
C GLY D 3 -6.88 46.13 -12.77
N PHE D 4 -7.84 45.24 -12.51
CA PHE D 4 -7.54 43.91 -12.01
C PHE D 4 -8.26 42.84 -12.83
N TYR D 5 -7.52 41.81 -13.23
CA TYR D 5 -8.13 40.56 -13.63
C TYR D 5 -8.44 39.73 -12.38
N GLU D 6 -9.54 38.98 -12.46
CA GLU D 6 -9.93 38.04 -11.41
C GLU D 6 -9.88 36.63 -11.97
N ILE D 7 -9.13 35.77 -11.28
CA ILE D 7 -9.07 34.34 -11.58
C ILE D 7 -9.59 33.59 -10.35
N VAL D 8 -10.56 32.71 -10.56
CA VAL D 8 -11.11 31.91 -9.47
C VAL D 8 -10.51 30.52 -9.57
N ILE D 9 -9.84 30.11 -8.50
CA ILE D 9 -9.18 28.82 -8.44
C ILE D 9 -9.89 27.99 -7.38
N LYS D 10 -10.51 26.88 -7.80
CA LYS D 10 -11.06 25.94 -6.83
C LYS D 10 -9.92 25.17 -6.19
N VAL D 11 -10.01 24.99 -4.88
CA VAL D 11 -8.99 24.29 -4.10
C VAL D 11 -9.55 22.95 -3.68
N PRO D 12 -8.88 21.84 -3.99
CA PRO D 12 -9.40 20.53 -3.59
C PRO D 12 -9.48 20.44 -2.08
N SER D 13 -10.57 19.85 -1.59
CA SER D 13 -10.80 19.68 -0.16
C SER D 13 -11.02 18.24 0.27
N ASP D 14 -11.44 17.36 -0.63
CA ASP D 14 -11.53 15.93 -0.34
C ASP D 14 -10.51 15.20 -1.21
N LEU D 15 -9.52 14.58 -0.56
CA LEU D 15 -8.42 13.98 -1.30
C LEU D 15 -8.91 12.87 -2.23
N ASP D 16 -9.81 12.02 -1.74
CA ASP D 16 -10.34 10.96 -2.61
C ASP D 16 -11.25 11.54 -3.69
N GLU D 17 -12.11 12.50 -3.33
CA GLU D 17 -13.09 13.03 -4.27
C GLU D 17 -12.44 13.91 -5.33
N HIS D 18 -11.40 14.66 -4.97
CA HIS D 18 -10.86 15.71 -5.83
C HIS D 18 -9.47 15.44 -6.37
N LEU D 19 -8.65 14.64 -5.70
CA LEU D 19 -7.30 14.33 -6.17
C LEU D 19 -7.08 12.83 -6.23
N PRO D 20 -7.90 12.10 -7.00
CA PRO D 20 -7.72 10.64 -7.05
C PRO D 20 -6.34 10.27 -7.58
N GLY D 21 -5.62 9.48 -6.80
CA GLY D 21 -4.29 9.06 -7.18
C GLY D 21 -3.15 9.92 -6.72
N ILE D 22 -3.40 10.89 -5.84
CA ILE D 22 -2.31 11.71 -5.33
C ILE D 22 -1.39 10.84 -4.45
N SER D 23 -0.13 11.25 -4.35
CA SER D 23 0.86 10.49 -3.63
C SER D 23 0.60 10.50 -2.13
N ASP D 24 1.20 9.52 -1.44
CA ASP D 24 1.23 9.58 0.03
C ASP D 24 2.00 10.80 0.52
N SER D 25 3.00 11.25 -0.25
CA SER D 25 3.80 12.40 0.16
C SER D 25 2.94 13.65 0.22
N PHE D 26 2.03 13.82 -0.76
CA PHE D 26 1.09 14.93 -0.72
C PHE D 26 0.18 14.83 0.49
N VAL D 27 -0.28 13.62 0.80
CA VAL D 27 -1.11 13.41 1.97
C VAL D 27 -0.38 13.86 3.22
N ASN D 28 0.89 13.47 3.36
CA ASN D 28 1.68 13.88 4.52
C ASN D 28 1.85 15.40 4.55
N TRP D 29 2.09 15.99 3.38
CA TRP D 29 2.26 17.44 3.31
C TRP D 29 1.05 18.17 3.87
N VAL D 30 -0.15 17.86 3.36
CA VAL D 30 -1.33 18.57 3.85
C VAL D 30 -1.68 18.13 5.26
N ALA D 31 -1.36 16.90 5.65
CA ALA D 31 -1.73 16.41 6.97
C ALA D 31 -0.83 16.95 8.07
N GLU D 32 0.33 17.49 7.71
CA GLU D 32 1.16 18.12 8.74
C GLU D 32 1.06 19.65 8.65
N LYS D 33 -0.15 20.16 8.57
CA LYS D 33 -0.38 21.60 8.43
C LYS D 33 -0.60 22.23 9.80
N GLU D 34 0.25 23.18 10.15
CA GLU D 34 0.07 24.01 11.34
C GLU D 34 0.10 25.46 10.87
N TRP D 35 -1.08 26.07 10.77
CA TRP D 35 -1.20 27.49 10.49
C TRP D 35 -1.75 28.19 11.72
N GLU D 36 -1.11 29.28 12.11
CA GLU D 36 -1.61 30.13 13.17
C GLU D 36 -1.93 31.51 12.61
N LEU D 37 -2.92 32.16 13.19
CA LEU D 37 -3.23 33.51 12.78
C LEU D 37 -2.19 34.47 13.35
N PRO D 38 -1.98 35.61 12.70
CA PRO D 38 -1.07 36.62 13.25
C PRO D 38 -1.68 37.25 14.49
N PRO D 39 -0.86 37.88 15.34
CA PRO D 39 -1.39 38.42 16.60
C PRO D 39 -2.41 39.52 16.41
N ASP D 40 -2.39 40.23 15.28
CA ASP D 40 -3.33 41.31 15.03
C ASP D 40 -4.70 40.83 14.57
N SER D 41 -4.89 39.52 14.40
CA SER D 41 -6.10 39.00 13.79
C SER D 41 -7.14 38.63 14.84
N ASP D 42 -8.41 38.85 14.49
CA ASP D 42 -9.54 38.54 15.38
C ASP D 42 -10.38 37.39 14.85
N MET D 43 -9.79 36.50 14.05
CA MET D 43 -10.52 35.38 13.47
C MET D 43 -10.42 34.14 14.34
N ASP D 44 -11.48 33.34 14.32
CA ASP D 44 -11.51 32.08 15.06
C ASP D 44 -10.80 31.01 14.26
N LEU D 45 -9.60 30.62 14.72
CA LEU D 45 -8.85 29.57 14.03
C LEU D 45 -9.67 28.29 13.87
N ASN D 46 -10.55 28.03 14.83
CA ASN D 46 -11.37 26.81 14.85
C ASN D 46 -12.29 26.69 13.64
N LEU D 47 -12.50 27.76 12.88
CA LEU D 47 -13.32 27.71 11.68
C LEU D 47 -12.49 27.87 10.41
N ILE D 48 -11.20 27.55 10.48
CA ILE D 48 -10.30 27.61 9.34
C ILE D 48 -9.74 26.21 9.12
N GLU D 49 -10.02 25.62 7.95
CA GLU D 49 -9.63 24.25 7.68
C GLU D 49 -8.18 24.20 7.19
N GLN D 50 -7.38 23.34 7.81
CA GLN D 50 -5.93 23.43 7.68
C GLN D 50 -5.41 22.83 6.38
N ALA D 51 -5.86 21.62 6.02
CA ALA D 51 -5.40 21.00 4.78
C ALA D 51 -5.74 21.82 3.54
N PRO D 52 -7.00 22.19 3.29
CA PRO D 52 -7.26 23.03 2.11
C PRO D 52 -6.52 24.34 2.17
N LEU D 53 -6.26 24.85 3.37
CA LEU D 53 -5.47 26.08 3.50
C LEU D 53 -4.06 25.86 2.99
N THR D 54 -3.42 24.77 3.39
CA THR D 54 -2.08 24.47 2.89
C THR D 54 -2.06 24.49 1.36
N VAL D 55 -3.00 23.74 0.77
CA VAL D 55 -3.03 23.66 -0.69
C VAL D 55 -3.26 25.03 -1.31
N ALA D 56 -4.25 25.77 -0.80
CA ALA D 56 -4.61 27.06 -1.39
C ALA D 56 -3.48 28.06 -1.24
N GLU D 57 -2.75 28.00 -0.13
CA GLU D 57 -1.68 28.93 0.12
C GLU D 57 -0.53 28.72 -0.86
N LYS D 58 -0.10 27.46 -1.02
CA LYS D 58 0.93 27.23 -2.04
C LYS D 58 0.42 27.58 -3.44
N LEU D 59 -0.84 27.25 -3.72
CA LEU D 59 -1.43 27.58 -5.01
C LEU D 59 -1.29 29.07 -5.31
N GLN D 60 -1.74 29.93 -4.39
CA GLN D 60 -1.69 31.36 -4.66
C GLN D 60 -0.25 31.88 -4.71
N ARG D 61 0.63 31.41 -3.81
CA ARG D 61 2.01 31.91 -3.83
C ARG D 61 2.70 31.59 -5.15
N ASP D 62 2.56 30.35 -5.62
CA ASP D 62 3.20 29.97 -6.87
C ASP D 62 2.52 30.62 -8.06
N PHE D 63 1.19 30.78 -8.02
CA PHE D 63 0.52 31.53 -9.07
C PHE D 63 1.09 32.92 -9.18
N LEU D 64 1.33 33.57 -8.05
CA LEU D 64 1.77 34.96 -8.09
C LEU D 64 3.19 35.07 -8.61
N THR D 65 4.08 34.16 -8.19
CA THR D 65 5.44 34.26 -8.75
C THR D 65 5.44 33.96 -10.25
N GLU D 66 4.61 33.00 -10.69
CA GLU D 66 4.49 32.75 -12.13
C GLU D 66 3.91 33.96 -12.86
N TRP D 67 2.99 34.67 -12.22
CA TRP D 67 2.42 35.88 -12.83
C TRP D 67 3.47 36.97 -12.95
N ARG D 68 4.31 37.13 -11.94
CA ARG D 68 5.40 38.10 -12.03
C ARG D 68 6.33 37.74 -13.18
N ARG D 69 6.61 36.45 -13.36
CA ARG D 69 7.45 36.03 -14.48
C ARG D 69 6.81 36.39 -15.81
N VAL D 70 5.55 35.99 -16.03
CA VAL D 70 4.93 36.17 -17.33
C VAL D 70 4.57 37.62 -17.62
N SER D 71 4.37 38.44 -16.59
CA SER D 71 3.99 39.83 -16.76
C SER D 71 5.19 40.77 -16.79
N LYS D 72 6.38 40.27 -16.44
CA LYS D 72 7.59 41.09 -16.37
C LYS D 72 7.37 42.31 -15.47
N ALA D 73 6.60 42.12 -14.40
CA ALA D 73 6.22 43.21 -13.51
C ALA D 73 6.05 42.70 -12.08
N PRO D 74 7.16 42.49 -11.36
CA PRO D 74 7.05 42.19 -9.92
C PRO D 74 6.55 43.42 -9.19
N GLU D 75 6.34 43.31 -7.88
CA GLU D 75 5.70 44.36 -7.09
C GLU D 75 4.35 44.78 -7.68
N ALA D 76 3.73 43.88 -8.46
CA ALA D 76 2.41 44.14 -9.01
C ALA D 76 1.35 43.88 -7.96
N LEU D 77 0.39 44.80 -7.85
CA LEU D 77 -0.62 44.73 -6.80
C LEU D 77 -1.44 43.45 -6.92
N PHE D 78 -1.78 42.85 -5.79
CA PHE D 78 -2.65 41.68 -5.81
C PHE D 78 -3.46 41.60 -4.53
N PHE D 79 -4.58 40.89 -4.63
CA PHE D 79 -5.38 40.58 -3.45
C PHE D 79 -5.98 39.19 -3.66
N VAL D 80 -5.68 38.25 -2.77
CA VAL D 80 -6.16 36.89 -2.88
C VAL D 80 -6.99 36.59 -1.63
N GLN D 81 -8.18 36.03 -1.83
CA GLN D 81 -9.04 35.64 -0.72
C GLN D 81 -9.53 34.22 -0.91
N PHE D 82 -9.24 33.37 0.08
CA PHE D 82 -9.59 31.96 0.12
C PHE D 82 -10.83 31.78 0.97
N GLU D 83 -11.84 31.13 0.40
CA GLU D 83 -13.17 31.02 0.99
C GLU D 83 -13.68 29.59 0.93
N LYS D 84 -14.49 29.22 1.92
CA LYS D 84 -15.28 27.99 1.88
C LYS D 84 -16.63 28.30 1.27
N GLY D 85 -16.85 27.86 0.04
CA GLY D 85 -17.93 28.37 -0.77
C GLY D 85 -19.14 27.43 -0.84
N GLU D 86 -20.00 27.75 -1.80
CA GLU D 86 -21.20 26.99 -2.12
C GLU D 86 -21.00 25.47 -2.02
N SER D 87 -19.92 24.97 -2.62
CA SER D 87 -19.76 23.55 -2.86
C SER D 87 -18.29 23.20 -2.79
N TYR D 88 -17.44 24.15 -3.12
CA TYR D 88 -16.00 23.96 -3.17
C TYR D 88 -15.30 25.10 -2.46
N PHE D 89 -14.20 24.77 -1.79
CA PHE D 89 -13.25 25.80 -1.42
C PHE D 89 -12.71 26.44 -2.69
N HIS D 90 -12.59 27.76 -2.68
CA HIS D 90 -12.00 28.43 -3.82
C HIS D 90 -11.41 29.75 -3.35
N MET D 91 -10.52 30.29 -4.16
CA MET D 91 -10.05 31.63 -3.87
C MET D 91 -10.18 32.51 -5.09
N HIS D 92 -10.53 33.76 -4.83
CA HIS D 92 -10.46 34.82 -5.82
C HIS D 92 -9.06 35.42 -5.76
N VAL D 93 -8.34 35.37 -6.87
CA VAL D 93 -7.08 36.09 -6.98
C VAL D 93 -7.31 37.27 -7.93
N LEU D 94 -6.99 38.47 -7.46
CA LEU D 94 -7.07 39.69 -8.25
C LEU D 94 -5.65 40.16 -8.49
N VAL D 95 -5.28 40.30 -9.77
CA VAL D 95 -3.95 40.80 -10.13
C VAL D 95 -4.08 42.02 -11.02
N GLU D 96 -3.11 42.92 -10.88
CA GLU D 96 -3.01 44.08 -11.75
C GLU D 96 -2.83 43.64 -13.19
N THR D 97 -3.57 44.27 -14.11
CA THR D 97 -3.52 43.86 -15.50
C THR D 97 -2.19 44.18 -16.17
N THR D 98 -1.42 45.13 -15.62
CA THR D 98 -0.23 45.61 -16.31
C THR D 98 0.74 44.46 -16.57
N GLY D 99 1.20 44.37 -17.82
CA GLY D 99 2.12 43.34 -18.24
C GLY D 99 1.50 42.21 -19.03
N VAL D 100 0.17 42.06 -18.99
CA VAL D 100 -0.52 40.99 -19.70
C VAL D 100 -1.70 41.61 -20.45
N LYS D 101 -1.57 41.73 -21.77
CA LYS D 101 -2.69 42.19 -22.57
C LYS D 101 -3.84 41.19 -22.49
N SER D 102 -5.07 41.70 -22.53
CA SER D 102 -6.22 40.84 -22.25
C SER D 102 -6.31 39.69 -23.24
N MET D 103 -6.06 39.96 -24.52
CA MET D 103 -6.17 38.96 -25.57
C MET D 103 -5.35 37.71 -25.28
N VAL D 104 -4.13 37.87 -24.78
CA VAL D 104 -3.23 36.75 -24.50
C VAL D 104 -3.37 36.24 -23.08
N LEU D 105 -4.26 36.85 -22.28
CA LEU D 105 -4.40 36.45 -20.88
C LEU D 105 -4.87 35.01 -20.77
N GLY D 106 -5.79 34.60 -21.65
CA GLY D 106 -6.25 33.22 -21.62
C GLY D 106 -5.12 32.23 -21.79
N ARG D 107 -4.26 32.46 -22.78
CA ARG D 107 -3.18 31.52 -23.06
C ARG D 107 -2.14 31.54 -21.94
N PHE D 108 -1.77 32.73 -21.46
CA PHE D 108 -0.81 32.79 -20.37
C PHE D 108 -1.34 32.08 -19.14
N LEU D 109 -2.65 32.21 -18.89
CA LEU D 109 -3.24 31.53 -17.73
C LEU D 109 -3.25 30.02 -17.94
N SER D 110 -3.47 29.56 -19.17
CA SER D 110 -3.39 28.13 -19.42
C SER D 110 -1.99 27.61 -19.11
N GLN D 111 -0.97 28.34 -19.55
CA GLN D 111 0.41 27.92 -19.27
C GLN D 111 0.68 27.89 -17.76
N ILE D 112 0.23 28.92 -17.05
CA ILE D 112 0.38 28.94 -15.59
C ILE D 112 -0.32 27.74 -14.96
N ARG D 113 -1.53 27.45 -15.42
CA ARG D 113 -2.28 26.32 -14.90
C ARG D 113 -1.50 25.02 -15.06
N GLU D 114 -0.85 24.83 -16.21
CA GLU D 114 -0.08 23.61 -16.40
C GLU D 114 1.13 23.55 -15.47
N LYS D 115 1.83 24.67 -15.32
CA LYS D 115 2.93 24.70 -14.36
C LYS D 115 2.44 24.34 -12.96
N LEU D 116 1.26 24.82 -12.58
CA LEU D 116 0.73 24.52 -11.25
C LEU D 116 0.38 23.04 -11.10
N ILE D 117 -0.24 22.45 -12.13
CA ILE D 117 -0.55 21.02 -12.08
C ILE D 117 0.74 20.23 -11.88
N GLN D 118 1.80 20.60 -12.58
CA GLN D 118 3.06 19.86 -12.44
C GLN D 118 3.71 20.10 -11.08
N ARG D 119 3.59 21.30 -10.53
CA ARG D 119 4.34 21.69 -9.35
C ARG D 119 3.66 21.28 -8.05
N ILE D 120 2.35 21.52 -7.92
CA ILE D 120 1.63 21.34 -6.66
C ILE D 120 0.66 20.18 -6.68
N TYR D 121 0.50 19.49 -7.81
CA TYR D 121 -0.24 18.23 -7.82
C TYR D 121 0.61 17.14 -8.43
N ARG D 122 1.88 17.42 -8.72
CA ARG D 122 2.84 16.46 -9.23
C ARG D 122 2.25 15.66 -10.39
N GLY D 123 1.59 16.36 -11.31
CA GLY D 123 1.11 15.75 -12.52
C GLY D 123 -0.34 15.31 -12.51
N ILE D 124 -0.99 15.23 -11.36
CA ILE D 124 -2.36 14.75 -11.31
C ILE D 124 -3.32 15.91 -11.60
N GLU D 125 -4.09 15.76 -12.66
CA GLU D 125 -5.14 16.72 -12.97
C GLU D 125 -6.22 16.65 -11.90
N PRO D 126 -6.52 17.73 -11.19
CA PRO D 126 -7.57 17.66 -10.16
C PRO D 126 -8.94 17.47 -10.80
N THR D 127 -9.77 16.62 -10.18
CA THR D 127 -11.12 16.41 -10.68
C THR D 127 -12.09 17.35 -9.97
N LEU D 128 -11.89 18.63 -10.23
CA LEU D 128 -12.79 19.72 -9.88
C LEU D 128 -13.29 20.38 -11.15
N PRO D 129 -14.59 20.67 -11.25
CA PRO D 129 -15.13 21.25 -12.49
C PRO D 129 -14.80 22.73 -12.58
N ASN D 130 -14.25 23.13 -13.73
CA ASN D 130 -13.92 24.53 -14.02
C ASN D 130 -13.12 25.16 -12.88
N TRP D 131 -12.03 24.50 -12.52
CA TRP D 131 -11.34 24.82 -11.28
C TRP D 131 -10.31 25.93 -11.40
N PHE D 132 -10.06 26.45 -12.60
CA PHE D 132 -9.05 27.48 -12.80
C PHE D 132 -9.55 28.39 -13.91
N ALA D 133 -10.36 29.39 -13.53
CA ALA D 133 -11.16 30.13 -14.51
C ALA D 133 -11.01 31.63 -14.33
N VAL D 134 -10.51 32.31 -15.36
CA VAL D 134 -10.60 33.76 -15.40
C VAL D 134 -12.07 34.14 -15.55
N THR D 135 -12.50 35.12 -14.78
CA THR D 135 -13.90 35.51 -14.84
C THR D 135 -14.12 36.42 -16.04
N LYS D 136 -15.05 36.03 -16.90
CA LYS D 136 -15.33 36.78 -18.11
C LYS D 136 -16.37 37.86 -17.80
N THR D 137 -17.01 38.40 -18.83
CA THR D 137 -17.75 39.65 -18.71
C THR D 137 -19.27 39.48 -18.80
N ARG D 138 -19.77 38.64 -19.71
CA ARG D 138 -21.17 38.24 -19.68
C ARG D 138 -21.34 36.79 -20.09
N ASN D 139 -20.26 36.02 -20.09
CA ASN D 139 -20.24 34.58 -20.37
C ASN D 139 -20.81 34.23 -21.74
N GLY D 140 -21.01 35.22 -22.61
CA GLY D 140 -21.53 34.97 -23.94
C GLY D 140 -20.51 34.37 -24.88
N ALA D 141 -20.68 34.61 -26.17
CA ALA D 141 -19.80 34.02 -27.16
C ALA D 141 -18.52 34.86 -27.29
N GLY D 142 -17.37 34.19 -27.18
CA GLY D 142 -16.08 34.86 -26.99
C GLY D 142 -15.91 35.42 -25.59
N GLY D 143 -16.87 36.25 -25.15
CA GLY D 143 -16.90 36.80 -23.80
C GLY D 143 -16.26 38.16 -23.67
N GLY D 144 -15.05 38.17 -23.14
CA GLY D 144 -14.34 39.37 -22.77
C GLY D 144 -13.83 39.24 -21.35
N ASN D 145 -12.52 39.40 -21.16
CA ASN D 145 -11.95 39.25 -19.82
C ASN D 145 -12.34 40.45 -18.96
N LYS D 146 -13.17 40.21 -17.95
CA LYS D 146 -13.64 41.29 -17.09
C LYS D 146 -12.45 41.89 -16.32
N VAL D 147 -12.43 43.21 -16.23
CA VAL D 147 -11.45 43.93 -15.44
C VAL D 147 -12.20 44.65 -14.33
N VAL D 148 -11.82 44.40 -13.09
CA VAL D 148 -12.48 45.01 -11.94
C VAL D 148 -11.64 46.15 -11.43
N ASP D 149 -12.32 47.13 -10.85
CA ASP D 149 -11.67 48.22 -10.14
C ASP D 149 -11.24 47.74 -8.75
N GLU D 150 -10.35 48.50 -8.11
CA GLU D 150 -9.99 48.21 -6.72
C GLU D 150 -11.23 48.18 -5.83
N SER D 151 -12.25 48.97 -6.17
CA SER D 151 -13.52 48.98 -5.44
C SER D 151 -14.21 47.62 -5.43
N TYR D 152 -13.74 46.65 -6.22
CA TYR D 152 -14.25 45.29 -6.12
C TYR D 152 -13.97 44.70 -4.75
N ILE D 153 -12.86 45.07 -4.13
CA ILE D 153 -12.41 44.44 -2.90
C ILE D 153 -13.33 44.82 -1.73
N PRO D 154 -13.63 46.10 -1.49
CA PRO D 154 -14.57 46.40 -0.40
C PRO D 154 -16.00 46.05 -0.74
N ASN D 155 -16.39 46.05 -2.01
CA ASN D 155 -17.77 45.81 -2.38
C ASN D 155 -18.14 44.33 -2.30
N TYR D 156 -17.18 43.42 -2.47
CA TYR D 156 -17.53 42.01 -2.64
C TYR D 156 -16.73 41.07 -1.73
N LEU D 157 -15.48 41.40 -1.42
CA LEU D 157 -14.59 40.45 -0.74
C LEU D 157 -14.48 40.71 0.75
N LEU D 158 -14.13 41.93 1.15
CA LEU D 158 -14.07 42.29 2.56
C LEU D 158 -15.31 41.91 3.36
N PRO D 159 -16.55 42.08 2.86
CA PRO D 159 -17.72 41.77 3.69
C PRO D 159 -17.89 40.29 4.05
N LYS D 160 -17.18 39.38 3.39
CA LYS D 160 -17.27 37.97 3.75
C LYS D 160 -16.88 37.78 5.21
N THR D 161 -17.57 36.87 5.89
CA THR D 161 -17.28 36.55 7.28
C THR D 161 -17.17 35.04 7.44
N GLN D 162 -16.49 34.64 8.51
CA GLN D 162 -16.29 33.23 8.79
C GLN D 162 -17.64 32.53 8.93
N PRO D 163 -17.73 31.24 8.57
CA PRO D 163 -16.62 30.41 8.13
C PRO D 163 -16.31 30.55 6.66
N GLU D 164 -17.17 31.26 5.92
CA GLU D 164 -16.93 31.46 4.49
C GLU D 164 -15.56 32.07 4.25
N LEU D 165 -15.21 33.09 5.02
CA LEU D 165 -13.85 33.61 4.97
C LEU D 165 -12.89 32.60 5.57
N GLN D 166 -11.88 32.20 4.80
CA GLN D 166 -10.85 31.30 5.30
C GLN D 166 -9.50 32.00 5.47
N TRP D 167 -9.04 32.72 4.45
CA TRP D 167 -7.75 33.41 4.53
C TRP D 167 -7.69 34.50 3.46
N ALA D 168 -6.65 35.33 3.55
CA ALA D 168 -6.46 36.38 2.55
C ALA D 168 -5.02 36.90 2.60
N TRP D 169 -4.46 37.15 1.42
CA TRP D 169 -3.12 37.69 1.24
C TRP D 169 -3.23 38.93 0.38
N THR D 170 -2.29 39.88 0.54
CA THR D 170 -2.35 41.05 -0.32
C THR D 170 -1.00 41.77 -0.39
N ASN D 171 -0.74 42.35 -1.57
CA ASN D 171 0.30 43.34 -1.75
C ASN D 171 -0.11 44.71 -1.25
N MET D 172 -1.40 45.03 -1.35
CA MET D 172 -1.87 46.41 -1.25
C MET D 172 -1.88 46.89 0.20
N GLU D 173 -1.22 48.03 0.43
CA GLU D 173 -1.09 48.57 1.79
C GLU D 173 -2.45 48.92 2.39
N GLN D 174 -3.42 49.28 1.55
CA GLN D 174 -4.74 49.64 2.06
C GLN D 174 -5.37 48.50 2.84
N TYR D 175 -5.02 47.26 2.51
CA TYR D 175 -5.74 46.08 2.98
C TYR D 175 -4.89 45.12 3.79
N LEU D 176 -3.64 45.47 4.11
CA LEU D 176 -2.97 44.43 4.87
C LEU D 176 -3.57 44.29 6.27
N SER D 177 -4.04 45.31 7.00
CA SER D 177 -4.71 45.07 8.28
C SER D 177 -5.99 44.28 8.10
N ALA D 178 -6.65 44.41 6.95
CA ALA D 178 -8.00 43.87 6.75
C ALA D 178 -8.02 42.41 6.34
N CYS D 179 -6.88 41.83 5.99
CA CYS D 179 -6.87 40.47 5.43
C CYS D 179 -7.41 39.46 6.44
N LEU D 180 -6.88 39.47 7.66
CA LEU D 180 -7.26 38.50 8.68
C LEU D 180 -7.95 39.17 9.87
N ASN D 181 -8.47 40.38 9.69
CA ASN D 181 -9.14 41.09 10.77
C ASN D 181 -10.57 41.40 10.35
N LEU D 182 -11.53 40.86 11.10
CA LEU D 182 -12.94 41.01 10.73
C LEU D 182 -13.44 42.43 11.01
N THR D 183 -13.02 43.02 12.12
CA THR D 183 -13.50 44.37 12.47
C THR D 183 -12.90 45.42 11.53
N GLU D 184 -11.64 45.25 11.14
CA GLU D 184 -11.05 46.13 10.14
C GLU D 184 -11.82 46.05 8.83
N ARG D 185 -12.25 44.84 8.47
CA ARG D 185 -13.10 44.69 7.29
C ARG D 185 -14.42 45.41 7.45
N LYS D 186 -15.07 45.24 8.60
CA LYS D 186 -16.37 45.89 8.82
C LYS D 186 -16.24 47.40 8.68
N ARG D 187 -15.22 47.98 9.33
CA ARG D 187 -15.03 49.43 9.25
C ARG D 187 -14.66 49.86 7.83
N LEU D 188 -13.86 49.07 7.11
CA LEU D 188 -13.45 49.47 5.77
C LEU D 188 -14.62 49.44 4.80
N VAL D 189 -15.46 48.41 4.89
CA VAL D 189 -16.62 48.32 4.01
C VAL D 189 -17.64 49.40 4.35
N ALA D 190 -17.81 49.70 5.64
CA ALA D 190 -18.71 50.79 6.02
C ALA D 190 -18.20 52.13 5.50
N GLN D 191 -16.88 52.36 5.58
CA GLN D 191 -16.30 53.58 5.06
C GLN D 191 -16.51 53.71 3.56
N HIS D 192 -16.25 52.62 2.81
CA HIS D 192 -16.48 52.68 1.37
C HIS D 192 -17.96 52.89 1.04
N LEU D 193 -18.86 52.29 1.83
CA LEU D 193 -20.28 52.41 1.57
C LEU D 193 -20.79 53.84 1.78
N THR D 194 -20.52 54.41 2.97
CA THR D 194 -20.95 55.79 3.21
C THR D 194 -20.32 56.76 2.23
N HIS D 195 -19.15 56.40 1.67
CA HIS D 195 -18.46 57.18 0.66
C HIS D 195 -19.00 56.79 -0.72
N VAL D 196 -20.25 57.18 -0.95
CA VAL D 196 -20.94 56.94 -2.22
C VAL D 196 -22.22 57.75 -2.27
#